data_1T12
#
_entry.id   1T12
#
_entity_poly.entity_id   1
_entity_poly.type   'polypeptide(L)'
_entity_poly.pdbx_seq_one_letter_code
;AITCGQVTSNLAPCLAYLRNTGPLGRCCGGVKALVNSARTTEDRQIACTCLKSAAGAISGINLGKAAGLPSTCGVNIPYK
ISPSTDCSKVQ
;
_entity_poly.pdbx_strand_id   A
#
# COMPACT_ATOMS: atom_id res chain seq x y z
N ALA A 1 11.07 -14.17 5.34
CA ALA A 1 10.71 -13.05 6.24
C ALA A 1 9.97 -11.96 5.48
N ILE A 2 9.20 -11.09 6.16
CA ILE A 2 8.45 -10.04 5.47
C ILE A 2 9.40 -8.92 5.11
N THR A 3 9.26 -8.24 3.94
CA THR A 3 10.19 -7.16 3.59
C THR A 3 9.56 -6.18 2.62
N CYS A 4 9.82 -4.85 2.71
CA CYS A 4 9.22 -3.93 1.75
C CYS A 4 9.56 -4.29 0.32
N GLY A 5 10.76 -4.83 0.03
CA GLY A 5 11.10 -5.27 -1.33
C GLY A 5 10.04 -6.14 -1.96
N GLN A 6 9.50 -7.11 -1.18
CA GLN A 6 8.47 -8.01 -1.72
C GLN A 6 7.21 -7.19 -1.91
N VAL A 7 6.88 -6.33 -0.92
CA VAL A 7 5.63 -5.58 -0.99
C VAL A 7 5.65 -4.65 -2.19
N THR A 8 6.73 -3.86 -2.37
CA THR A 8 6.76 -2.92 -3.50
C THR A 8 6.73 -3.62 -4.84
N SER A 9 7.11 -4.92 -4.94
CA SER A 9 7.00 -5.61 -6.22
C SER A 9 5.53 -5.69 -6.60
N ASN A 10 4.65 -6.14 -5.67
CA ASN A 10 3.22 -6.18 -5.98
C ASN A 10 2.66 -4.80 -6.27
N LEU A 11 3.21 -3.72 -5.69
CA LEU A 11 2.69 -2.38 -5.99
C LEU A 11 3.04 -1.94 -7.39
N ALA A 12 3.83 -2.66 -8.22
CA ALA A 12 4.22 -2.12 -9.52
C ALA A 12 3.06 -1.40 -10.22
N PRO A 13 1.83 -1.95 -10.36
CA PRO A 13 0.79 -1.18 -11.04
C PRO A 13 0.28 -0.04 -10.17
N CYS A 14 0.28 -0.19 -8.83
CA CYS A 14 -0.20 0.86 -7.96
C CYS A 14 0.71 2.05 -8.08
N LEU A 15 2.04 1.84 -7.95
CA LEU A 15 2.99 2.95 -8.03
C LEU A 15 2.61 3.88 -9.17
N ALA A 16 2.21 3.33 -10.34
CA ALA A 16 1.82 4.19 -11.46
C ALA A 16 0.52 4.92 -11.14
N TYR A 17 -0.50 4.20 -10.64
CA TYR A 17 -1.76 4.85 -10.22
C TYR A 17 -1.54 5.89 -9.16
N LEU A 18 -0.64 5.65 -8.18
CA LEU A 18 -0.37 6.62 -7.12
C LEU A 18 0.04 7.95 -7.72
N ARG A 19 0.81 7.94 -8.83
CA ARG A 19 1.23 9.21 -9.46
C ARG A 19 0.15 9.81 -10.33
N ASN A 20 -1.11 9.32 -10.32
CA ASN A 20 -2.13 9.83 -11.23
C ASN A 20 -1.62 9.86 -12.66
N THR A 21 -1.02 8.73 -13.14
CA THR A 21 -0.53 8.69 -14.52
C THR A 21 -0.77 7.36 -15.21
N GLY A 22 -0.41 6.19 -14.62
CA GLY A 22 -0.64 4.92 -15.32
C GLY A 22 -1.88 4.26 -14.74
N PRO A 23 -2.56 3.36 -15.46
CA PRO A 23 -3.81 2.81 -14.92
C PRO A 23 -3.58 1.87 -13.76
N LEU A 24 -4.65 1.55 -13.00
CA LEU A 24 -4.51 0.60 -11.90
C LEU A 24 -4.06 -0.74 -12.43
N GLY A 25 -4.67 -1.24 -13.53
CA GLY A 25 -4.26 -2.56 -14.04
C GLY A 25 -4.34 -3.60 -12.95
N ARG A 26 -3.23 -4.28 -12.58
CA ARG A 26 -3.29 -5.28 -11.51
C ARG A 26 -3.03 -4.69 -10.14
N CYS A 27 -3.24 -3.37 -9.89
CA CYS A 27 -2.98 -2.84 -8.56
C CYS A 27 -3.88 -3.55 -7.57
N CYS A 28 -5.18 -3.69 -7.87
CA CYS A 28 -6.05 -4.38 -6.92
C CYS A 28 -5.58 -5.80 -6.70
N GLY A 29 -5.25 -6.56 -7.78
CA GLY A 29 -4.78 -7.94 -7.56
C GLY A 29 -3.52 -7.96 -6.71
N GLY A 30 -2.55 -7.06 -7.00
CA GLY A 30 -1.35 -7.03 -6.18
C GLY A 30 -1.71 -6.75 -4.74
N VAL A 31 -2.50 -5.69 -4.47
CA VAL A 31 -2.82 -5.36 -3.08
C VAL A 31 -3.58 -6.52 -2.47
N LYS A 32 -4.63 -7.04 -3.14
CA LYS A 32 -5.34 -8.21 -2.64
C LYS A 32 -4.37 -9.24 -2.09
N ALA A 33 -3.27 -9.56 -2.82
CA ALA A 33 -2.32 -10.55 -2.31
C ALA A 33 -1.70 -10.02 -1.02
N LEU A 34 -1.25 -8.75 -1.04
CA LEU A 34 -0.60 -8.18 0.14
C LEU A 34 -1.50 -8.31 1.33
N VAL A 35 -2.80 -7.96 1.20
CA VAL A 35 -3.75 -8.06 2.32
C VAL A 35 -3.49 -9.33 3.11
N ASN A 36 -3.37 -10.49 2.44
CA ASN A 36 -3.14 -11.74 3.19
C ASN A 36 -1.84 -11.67 3.95
N SER A 37 -0.77 -11.14 3.33
CA SER A 37 0.45 -10.81 4.07
C SER A 37 0.34 -9.45 4.71
N ALA A 38 -0.88 -9.02 5.15
CA ALA A 38 -1.02 -7.77 5.88
C ALA A 38 -2.10 -7.85 6.94
N ARG A 39 -2.31 -9.04 7.56
CA ARG A 39 -3.30 -9.18 8.64
C ARG A 39 -2.81 -9.83 9.91
N THR A 40 -1.63 -10.53 9.97
CA THR A 40 -1.13 -11.09 11.23
C THR A 40 -0.49 -10.01 12.10
N THR A 41 -1.13 -8.83 12.30
CA THR A 41 -0.60 -7.81 13.24
C THR A 41 0.75 -7.24 12.84
N GLU A 42 1.84 -8.04 12.77
CA GLU A 42 3.14 -7.50 12.39
C GLU A 42 3.23 -7.47 10.87
N ASP A 43 2.94 -8.59 10.16
CA ASP A 43 2.89 -8.53 8.69
C ASP A 43 2.17 -7.27 8.25
N ARG A 44 0.99 -7.00 8.84
CA ARG A 44 0.30 -5.72 8.61
C ARG A 44 1.20 -4.52 8.80
N GLN A 45 1.87 -4.40 9.97
CA GLN A 45 2.70 -3.22 10.21
C GLN A 45 3.77 -3.12 9.14
N ILE A 46 4.42 -4.25 8.77
CA ILE A 46 5.46 -4.17 7.74
C ILE A 46 4.88 -3.61 6.47
N ALA A 47 3.72 -4.13 6.00
CA ALA A 47 3.12 -3.57 4.80
C ALA A 47 2.83 -2.10 4.99
N CYS A 48 2.15 -1.67 6.09
CA CYS A 48 1.87 -0.25 6.23
C CYS A 48 3.14 0.57 6.02
N THR A 49 4.23 0.29 6.77
CA THR A 49 5.42 1.12 6.65
C THR A 49 5.97 1.05 5.24
N CYS A 50 5.97 -0.16 4.63
CA CYS A 50 6.47 -0.25 3.27
C CYS A 50 5.65 0.58 2.33
N LEU A 51 4.31 0.56 2.48
CA LEU A 51 3.48 1.32 1.56
C LEU A 51 3.70 2.80 1.79
N LYS A 52 3.62 3.21 3.07
CA LYS A 52 3.93 4.61 3.40
C LYS A 52 5.22 5.01 2.74
N SER A 53 6.25 4.14 2.84
CA SER A 53 7.51 4.45 2.17
C SER A 53 7.29 4.50 0.66
N ALA A 54 6.54 3.53 0.09
CA ALA A 54 6.32 3.53 -1.35
C ALA A 54 5.72 4.86 -1.78
N ALA A 55 4.61 5.29 -1.14
CA ALA A 55 4.04 6.59 -1.47
C ALA A 55 5.11 7.67 -1.38
N GLY A 56 5.84 7.75 -0.24
CA GLY A 56 6.91 8.74 -0.13
C GLY A 56 7.93 8.63 -1.24
N ALA A 57 8.21 7.41 -1.76
CA ALA A 57 9.18 7.26 -2.86
C ALA A 57 8.66 7.89 -4.14
N ILE A 58 7.34 7.79 -4.42
CA ILE A 58 6.80 8.29 -5.70
C ILE A 58 6.97 9.80 -5.78
N SER A 59 7.35 10.36 -6.97
CA SER A 59 7.55 11.80 -7.09
C SER A 59 6.23 12.55 -7.13
N GLY A 60 5.47 12.52 -8.25
CA GLY A 60 4.20 13.25 -8.31
C GLY A 60 3.08 12.52 -7.61
N ILE A 61 3.30 12.11 -6.34
CA ILE A 61 2.34 11.24 -5.64
C ILE A 61 1.05 11.93 -5.31
N ASN A 62 -0.14 11.34 -5.61
CA ASN A 62 -1.39 11.99 -5.27
C ASN A 62 -1.84 11.47 -3.92
N LEU A 63 -1.79 12.30 -2.85
CA LEU A 63 -2.06 11.80 -1.51
C LEU A 63 -3.48 11.27 -1.42
N GLY A 64 -4.48 11.98 -2.00
CA GLY A 64 -5.86 11.49 -1.93
C GLY A 64 -5.99 10.13 -2.55
N LYS A 65 -5.40 9.89 -3.75
CA LYS A 65 -5.56 8.56 -4.37
C LYS A 65 -4.81 7.53 -3.56
N ALA A 66 -3.60 7.85 -3.04
CA ALA A 66 -2.95 6.91 -2.12
C ALA A 66 -3.86 6.60 -0.96
N ALA A 67 -4.34 7.60 -0.20
CA ALA A 67 -5.19 7.30 0.96
C ALA A 67 -6.45 6.57 0.52
N GLY A 68 -7.02 6.91 -0.66
CA GLY A 68 -8.21 6.21 -1.17
C GLY A 68 -7.90 4.98 -2.01
N LEU A 69 -6.63 4.62 -2.26
CA LEU A 69 -6.33 3.37 -2.96
C LEU A 69 -7.08 2.19 -2.37
N PRO A 70 -7.03 1.84 -1.06
CA PRO A 70 -7.71 0.62 -0.64
C PRO A 70 -9.19 0.81 -0.83
N SER A 71 -9.74 2.05 -0.75
CA SER A 71 -11.17 2.23 -1.03
C SER A 71 -11.42 1.90 -2.48
N THR A 72 -10.50 2.31 -3.40
CA THR A 72 -10.71 2.05 -4.82
C THR A 72 -10.58 0.57 -5.07
N CYS A 73 -9.49 -0.06 -4.57
CA CYS A 73 -9.38 -1.51 -4.63
C CYS A 73 -9.98 -2.08 -3.36
N GLY A 74 -11.30 -2.02 -3.14
CA GLY A 74 -11.89 -2.56 -1.91
C GLY A 74 -11.12 -3.70 -1.28
N VAL A 75 -10.47 -3.50 -0.11
CA VAL A 75 -9.69 -4.56 0.52
C VAL A 75 -9.84 -4.47 2.03
N ASN A 76 -9.70 -5.60 2.78
CA ASN A 76 -9.94 -5.56 4.23
C ASN A 76 -8.68 -5.21 4.99
N ILE A 77 -8.12 -4.01 4.78
CA ILE A 77 -6.94 -3.59 5.56
C ILE A 77 -7.39 -2.61 6.63
N PRO A 78 -7.10 -2.76 7.95
CA PRO A 78 -7.52 -1.74 8.91
C PRO A 78 -6.47 -0.65 9.04
N TYR A 79 -6.14 0.02 7.92
CA TYR A 79 -5.26 1.19 7.95
C TYR A 79 -5.32 1.85 6.58
N LYS A 80 -5.10 3.17 6.47
CA LYS A 80 -5.25 3.84 5.17
C LYS A 80 -3.87 3.92 4.54
N ILE A 81 -3.76 3.89 3.19
CA ILE A 81 -2.44 3.76 2.57
C ILE A 81 -1.93 5.17 2.33
N SER A 82 -1.32 5.81 3.35
CA SER A 82 -0.91 7.21 3.21
C SER A 82 0.31 7.54 4.05
N PRO A 83 1.26 8.41 3.64
CA PRO A 83 2.41 8.68 4.48
C PRO A 83 2.06 9.67 5.56
N SER A 84 1.25 9.20 6.55
CA SER A 84 0.86 10.06 7.67
C SER A 84 0.42 9.19 8.82
N THR A 85 -0.61 8.34 8.63
CA THR A 85 -1.03 7.43 9.70
C THR A 85 0.14 6.62 10.24
N ASP A 86 0.26 6.45 11.57
CA ASP A 86 1.26 5.52 12.11
C ASP A 86 0.66 4.14 12.04
N CYS A 87 1.48 3.08 11.81
CA CYS A 87 1.01 1.71 11.94
C CYS A 87 1.62 0.96 13.11
N SER A 88 2.88 1.24 13.52
CA SER A 88 3.50 0.49 14.61
C SER A 88 2.59 0.31 15.82
N LYS A 89 1.72 1.28 16.18
CA LYS A 89 0.86 1.13 17.35
C LYS A 89 -0.49 0.53 17.00
N VAL A 90 -0.69 -0.14 15.85
CA VAL A 90 -2.01 -0.69 15.52
C VAL A 90 -2.17 -2.04 16.19
N GLN A 91 -3.19 -2.21 17.07
CA GLN A 91 -3.40 -3.50 17.76
C GLN A 91 -4.41 -4.32 17.00
N ALA A 1 8.00 -14.46 3.83
CA ALA A 1 8.42 -13.48 4.87
C ALA A 1 7.97 -12.09 4.45
N ILE A 2 7.70 -11.18 5.40
CA ILE A 2 7.21 -9.83 5.08
C ILE A 2 8.37 -8.95 4.70
N THR A 3 8.28 -8.16 3.60
CA THR A 3 9.43 -7.34 3.21
C THR A 3 9.02 -6.26 2.26
N CYS A 4 9.55 -5.02 2.32
CA CYS A 4 9.09 -3.99 1.38
C CYS A 4 9.24 -4.37 -0.08
N GLY A 5 10.25 -5.17 -0.47
CA GLY A 5 10.35 -5.58 -1.87
C GLY A 5 9.08 -6.22 -2.37
N GLN A 6 8.52 -7.20 -1.64
CA GLN A 6 7.29 -7.85 -2.12
C GLN A 6 6.14 -6.86 -2.19
N VAL A 7 6.14 -5.83 -1.31
CA VAL A 7 5.08 -4.82 -1.35
C VAL A 7 5.25 -3.98 -2.60
N THR A 8 6.47 -3.47 -2.84
CA THR A 8 6.70 -2.64 -4.01
C THR A 8 6.38 -3.40 -5.28
N SER A 9 6.84 -4.66 -5.39
CA SER A 9 6.56 -5.42 -6.62
C SER A 9 5.06 -5.61 -6.76
N ASN A 10 4.35 -6.02 -5.68
CA ASN A 10 2.90 -6.14 -5.79
C ASN A 10 2.27 -4.84 -6.24
N LEU A 11 2.73 -3.68 -5.72
CA LEU A 11 2.14 -2.40 -6.10
C LEU A 11 2.83 -1.80 -7.32
N ALA A 12 3.49 -2.57 -8.20
CA ALA A 12 4.19 -1.96 -9.34
C ALA A 12 3.24 -1.10 -10.16
N PRO A 13 2.07 -1.56 -10.67
CA PRO A 13 1.25 -0.65 -11.46
C PRO A 13 0.64 0.43 -10.59
N CYS A 14 0.37 0.14 -9.29
CA CYS A 14 -0.17 1.17 -8.43
C CYS A 14 0.81 2.33 -8.33
N LEU A 15 2.14 2.13 -8.47
CA LEU A 15 3.07 3.26 -8.41
C LEU A 15 2.69 4.33 -9.42
N ALA A 16 2.28 3.93 -10.64
CA ALA A 16 1.86 4.91 -11.64
C ALA A 16 0.48 5.45 -11.30
N TYR A 17 -0.41 4.62 -10.71
CA TYR A 17 -1.71 5.12 -10.26
C TYR A 17 -1.54 6.10 -9.13
N LEU A 18 -0.54 5.91 -8.23
CA LEU A 18 -0.28 6.87 -7.17
C LEU A 18 0.02 8.25 -7.73
N ARG A 19 0.75 8.32 -8.85
CA ARG A 19 0.94 9.58 -9.55
C ARG A 19 -0.34 10.11 -10.19
N ASN A 20 -1.49 9.42 -10.13
CA ASN A 20 -2.70 9.87 -10.82
C ASN A 20 -2.43 10.13 -12.28
N THR A 21 -1.70 9.19 -12.93
CA THR A 21 -1.38 9.32 -14.35
C THR A 21 -1.46 7.98 -15.09
N GLY A 22 -0.86 6.87 -14.60
CA GLY A 22 -0.96 5.59 -15.31
C GLY A 22 -2.02 4.73 -14.68
N PRO A 23 -2.66 3.77 -15.40
CA PRO A 23 -3.74 2.99 -14.78
C PRO A 23 -3.23 1.93 -13.81
N LEU A 24 -3.93 1.69 -12.69
CA LEU A 24 -3.58 0.57 -11.81
C LEU A 24 -3.89 -0.77 -12.41
N GLY A 25 -4.92 -0.90 -13.27
CA GLY A 25 -5.25 -2.20 -13.87
C GLY A 25 -5.50 -3.26 -12.81
N ARG A 26 -4.73 -4.38 -12.79
CA ARG A 26 -5.00 -5.46 -11.83
C ARG A 26 -4.16 -5.32 -10.57
N CYS A 27 -3.62 -4.12 -10.26
CA CYS A 27 -2.84 -3.97 -9.02
C CYS A 27 -3.63 -4.43 -7.82
N CYS A 28 -4.97 -4.25 -7.83
CA CYS A 28 -5.76 -4.71 -6.71
C CYS A 28 -5.42 -6.14 -6.35
N GLY A 29 -5.17 -7.04 -7.34
CA GLY A 29 -4.77 -8.39 -6.98
C GLY A 29 -3.54 -8.38 -6.10
N GLY A 30 -2.53 -7.56 -6.44
CA GLY A 30 -1.33 -7.49 -5.60
C GLY A 30 -1.65 -6.95 -4.23
N VAL A 31 -2.47 -5.86 -4.13
CA VAL A 31 -2.83 -5.34 -2.81
C VAL A 31 -3.52 -6.47 -2.07
N LYS A 32 -4.54 -7.09 -2.70
CA LYS A 32 -5.26 -8.20 -2.09
C LYS A 32 -4.29 -9.27 -1.62
N ALA A 33 -3.28 -9.61 -2.44
CA ALA A 33 -2.34 -10.66 -2.05
C ALA A 33 -1.73 -10.33 -0.71
N LEU A 34 -1.29 -9.07 -0.55
CA LEU A 34 -0.63 -8.67 0.70
C LEU A 34 -1.57 -8.86 1.85
N VAL A 35 -2.86 -8.51 1.70
CA VAL A 35 -3.79 -8.59 2.84
C VAL A 35 -3.65 -9.91 3.54
N ASN A 36 -3.58 -11.01 2.76
CA ASN A 36 -3.41 -12.32 3.36
C ASN A 36 -2.21 -12.30 4.30
N SER A 37 -1.12 -11.65 3.86
CA SER A 37 0.05 -11.43 4.71
C SER A 37 0.11 -9.98 5.16
N ALA A 38 -1.03 -9.44 5.69
CA ALA A 38 -1.01 -8.13 6.33
C ALA A 38 -2.09 -8.02 7.40
N ARG A 39 -2.33 -9.12 8.17
CA ARG A 39 -3.35 -9.09 9.22
C ARG A 39 -2.94 -9.79 10.51
N THR A 40 -1.67 -10.22 10.71
CA THR A 40 -1.27 -10.84 11.98
C THR A 40 -0.39 -9.85 12.73
N THR A 41 -0.82 -8.57 12.78
CA THR A 41 -0.10 -7.54 13.54
C THR A 41 1.26 -7.21 12.96
N GLU A 42 2.26 -8.12 13.01
CA GLU A 42 3.61 -7.75 12.57
C GLU A 42 3.59 -7.56 11.07
N ASP A 43 3.14 -8.60 10.33
CA ASP A 43 3.05 -8.47 8.88
C ASP A 43 2.23 -7.26 8.51
N ARG A 44 1.11 -7.06 9.21
CA ARG A 44 0.37 -5.82 8.99
C ARG A 44 1.26 -4.60 9.16
N GLN A 45 2.02 -4.51 10.26
CA GLN A 45 2.89 -3.34 10.47
C GLN A 45 3.90 -3.18 9.36
N ILE A 46 4.62 -4.26 9.00
CA ILE A 46 5.60 -4.15 7.94
C ILE A 46 4.92 -3.65 6.69
N ALA A 47 3.75 -4.22 6.32
CA ALA A 47 3.12 -3.78 5.09
C ALA A 47 2.74 -2.31 5.21
N CYS A 48 2.05 -1.91 6.29
CA CYS A 48 1.76 -0.50 6.49
C CYS A 48 3.01 0.35 6.32
N THR A 49 4.13 -0.06 6.96
CA THR A 49 5.33 0.78 6.94
C THR A 49 5.88 0.81 5.53
N CYS A 50 6.02 -0.38 4.90
CA CYS A 50 6.55 -0.44 3.55
C CYS A 50 5.69 0.35 2.59
N LEU A 51 4.35 0.22 2.71
CA LEU A 51 3.47 0.99 1.84
C LEU A 51 3.68 2.46 2.11
N LYS A 52 3.64 2.85 3.40
CA LYS A 52 3.85 4.25 3.75
C LYS A 52 5.09 4.77 3.05
N SER A 53 6.21 4.02 3.09
CA SER A 53 7.43 4.47 2.41
C SER A 53 7.31 4.36 0.90
N ALA A 54 6.66 3.32 0.32
CA ALA A 54 6.48 3.30 -1.13
C ALA A 54 5.85 4.60 -1.59
N ALA A 55 4.72 5.02 -0.98
CA ALA A 55 4.10 6.27 -1.40
C ALA A 55 4.93 7.45 -0.94
N GLY A 56 5.47 7.40 0.29
CA GLY A 56 6.27 8.52 0.81
C GLY A 56 7.64 8.53 0.20
N ALA A 57 7.75 8.95 -1.09
CA ALA A 57 9.02 8.88 -1.82
C ALA A 57 8.87 9.41 -3.23
N ILE A 58 7.82 8.92 -3.93
CA ILE A 58 7.52 9.37 -5.30
C ILE A 58 7.41 10.89 -5.30
N SER A 59 7.89 11.62 -6.33
CA SER A 59 7.74 13.09 -6.32
C SER A 59 6.31 13.53 -6.58
N GLY A 60 5.66 13.07 -7.67
CA GLY A 60 4.28 13.49 -7.95
C GLY A 60 3.22 12.62 -7.30
N ILE A 61 3.44 12.07 -6.09
CA ILE A 61 2.41 11.22 -5.46
C ILE A 61 1.18 12.02 -5.14
N ASN A 62 -0.05 11.55 -5.48
CA ASN A 62 -1.25 12.30 -5.15
C ASN A 62 -1.86 11.76 -3.88
N LEU A 63 -1.76 12.50 -2.75
CA LEU A 63 -2.25 11.98 -1.46
C LEU A 63 -3.65 11.40 -1.56
N GLY A 64 -4.59 12.09 -2.24
CA GLY A 64 -5.94 11.54 -2.35
C GLY A 64 -5.95 10.15 -2.97
N LYS A 65 -5.04 9.86 -3.93
CA LYS A 65 -5.01 8.52 -4.52
C LYS A 65 -4.49 7.55 -3.47
N ALA A 66 -3.34 7.87 -2.83
CA ALA A 66 -2.85 7.01 -1.76
C ALA A 66 -3.97 6.72 -0.78
N ALA A 67 -4.62 7.76 -0.23
CA ALA A 67 -5.77 7.55 0.66
C ALA A 67 -6.90 6.80 -0.02
N GLY A 68 -7.13 6.96 -1.34
CA GLY A 68 -8.19 6.20 -2.01
C GLY A 68 -7.80 4.83 -2.51
N LEU A 69 -6.60 4.28 -2.21
CA LEU A 69 -6.30 2.94 -2.72
C LEU A 69 -7.19 1.87 -2.12
N PRO A 70 -7.54 1.79 -0.81
CA PRO A 70 -8.49 0.76 -0.41
C PRO A 70 -9.80 0.99 -1.13
N SER A 71 -10.16 2.26 -1.43
CA SER A 71 -11.44 2.50 -2.07
C SER A 71 -11.44 1.87 -3.44
N THR A 72 -10.42 2.17 -4.27
CA THR A 72 -10.35 1.56 -5.60
C THR A 72 -10.16 0.06 -5.50
N CYS A 73 -9.36 -0.41 -4.54
CA CYS A 73 -9.23 -1.84 -4.28
C CYS A 73 -9.92 -2.15 -2.95
N GLY A 74 -11.26 -2.27 -2.95
CA GLY A 74 -12.00 -2.62 -1.74
C GLY A 74 -11.57 -3.96 -1.19
N VAL A 75 -10.40 -4.01 -0.51
CA VAL A 75 -9.92 -5.25 0.11
C VAL A 75 -10.13 -5.11 1.62
N ASN A 76 -9.43 -5.88 2.50
CA ASN A 76 -9.61 -5.76 3.95
C ASN A 76 -8.36 -5.18 4.60
N ILE A 77 -8.02 -3.90 4.34
CA ILE A 77 -6.86 -3.26 4.99
C ILE A 77 -7.36 -2.18 5.94
N PRO A 78 -6.92 -2.06 7.22
CA PRO A 78 -7.41 -0.96 8.05
C PRO A 78 -6.73 0.34 7.69
N TYR A 79 -5.43 0.32 7.35
CA TYR A 79 -4.74 1.55 6.98
C TYR A 79 -5.24 2.00 5.63
N LYS A 80 -5.10 3.31 5.31
CA LYS A 80 -5.50 3.79 3.99
C LYS A 80 -4.28 4.08 3.14
N ILE A 81 -3.22 3.27 3.32
CA ILE A 81 -2.02 3.35 2.49
C ILE A 81 -1.53 4.78 2.34
N SER A 82 -1.57 5.60 3.40
CA SER A 82 -1.16 7.01 3.26
C SER A 82 0.27 7.21 3.73
N PRO A 83 1.14 8.04 3.11
CA PRO A 83 2.47 8.23 3.62
C PRO A 83 2.45 9.06 4.88
N SER A 84 1.89 8.51 5.98
CA SER A 84 1.76 9.27 7.23
C SER A 84 1.43 8.33 8.38
N THR A 85 0.37 7.50 8.25
CA THR A 85 0.05 6.52 9.29
C THR A 85 1.25 5.87 9.94
N ASP A 86 1.63 6.21 11.20
CA ASP A 86 2.74 5.50 11.83
C ASP A 86 2.38 4.04 12.02
N CYS A 87 3.36 3.10 11.89
CA CYS A 87 3.08 1.69 12.19
C CYS A 87 4.22 1.02 12.93
N SER A 88 4.79 1.71 13.95
CA SER A 88 5.90 1.15 14.73
C SER A 88 5.43 0.42 15.98
N LYS A 89 4.29 0.79 16.62
CA LYS A 89 3.82 0.04 17.80
C LYS A 89 2.33 -0.22 17.70
N VAL A 90 1.85 -0.58 16.50
CA VAL A 90 0.44 -0.91 16.32
C VAL A 90 0.21 -2.29 16.87
N GLN A 91 -0.95 -2.54 17.53
CA GLN A 91 -1.25 -3.87 18.07
C GLN A 91 -2.47 -4.42 17.37
N ALA A 1 6.46 -11.71 8.92
CA ALA A 1 6.92 -10.30 8.76
C ALA A 1 7.34 -9.98 7.33
N ILE A 2 6.45 -10.16 6.32
CA ILE A 2 6.78 -9.82 4.92
C ILE A 2 7.59 -8.55 4.76
N THR A 3 8.44 -8.46 3.71
CA THR A 3 9.32 -7.30 3.53
C THR A 3 8.74 -6.33 2.52
N CYS A 4 9.31 -5.10 2.44
CA CYS A 4 8.79 -4.10 1.51
C CYS A 4 8.86 -4.56 0.07
N GLY A 5 9.93 -5.26 -0.35
CA GLY A 5 10.02 -5.69 -1.74
C GLY A 5 8.76 -6.34 -2.25
N GLN A 6 8.20 -7.31 -1.49
CA GLN A 6 6.97 -7.98 -1.92
C GLN A 6 5.83 -6.98 -1.96
N VAL A 7 5.74 -6.11 -0.94
CA VAL A 7 4.63 -5.16 -0.87
C VAL A 7 4.65 -4.35 -2.13
N THR A 8 5.79 -3.66 -2.39
CA THR A 8 5.91 -2.82 -3.57
C THR A 8 5.67 -3.63 -4.83
N SER A 9 6.32 -4.81 -4.96
CA SER A 9 6.22 -5.58 -6.20
C SER A 9 4.77 -5.88 -6.50
N ASN A 10 4.04 -6.44 -5.51
CA ASN A 10 2.63 -6.74 -5.73
C ASN A 10 1.89 -5.53 -6.25
N LEU A 11 2.09 -4.34 -5.64
CA LEU A 11 1.36 -3.14 -6.05
C LEU A 11 2.11 -2.31 -7.07
N ALA A 12 2.97 -2.93 -7.91
CA ALA A 12 3.72 -2.15 -8.88
C ALA A 12 2.81 -1.31 -9.76
N PRO A 13 1.69 -1.78 -10.38
CA PRO A 13 0.93 -0.88 -11.23
C PRO A 13 0.32 0.23 -10.42
N CYS A 14 0.02 0.03 -9.11
CA CYS A 14 -0.51 1.13 -8.32
C CYS A 14 0.48 2.27 -8.29
N LEU A 15 1.82 2.02 -8.27
CA LEU A 15 2.76 3.14 -8.20
C LEU A 15 2.43 4.10 -9.33
N ALA A 16 2.28 3.56 -10.56
CA ALA A 16 1.91 4.42 -11.70
C ALA A 16 0.59 5.11 -11.44
N TYR A 17 -0.42 4.43 -10.85
CA TYR A 17 -1.67 5.10 -10.48
C TYR A 17 -1.43 6.22 -9.48
N LEU A 18 -0.54 6.05 -8.47
CA LEU A 18 -0.33 7.15 -7.52
C LEU A 18 0.33 8.32 -8.22
N ARG A 19 1.31 8.06 -9.12
CA ARG A 19 1.88 9.13 -9.95
C ARG A 19 0.78 9.84 -10.74
N ASN A 20 -0.36 9.19 -11.05
CA ASN A 20 -1.44 9.80 -11.83
C ASN A 20 -1.09 9.67 -13.31
N THR A 21 -0.93 8.41 -13.77
CA THR A 21 -0.64 8.16 -15.19
C THR A 21 -1.25 6.82 -15.60
N GLY A 22 -0.72 5.70 -15.07
CA GLY A 22 -1.21 4.38 -15.48
C GLY A 22 -2.34 3.93 -14.58
N PRO A 23 -3.42 3.26 -15.04
CA PRO A 23 -4.51 2.91 -14.13
C PRO A 23 -4.13 1.81 -13.15
N LEU A 24 -5.13 1.26 -12.42
CA LEU A 24 -4.86 0.23 -11.43
C LEU A 24 -4.49 -1.05 -12.16
N GLY A 25 -5.13 -1.36 -13.31
CA GLY A 25 -4.77 -2.57 -14.04
C GLY A 25 -4.92 -3.78 -13.14
N ARG A 26 -3.87 -4.61 -12.95
CA ARG A 26 -4.00 -5.78 -12.08
C ARG A 26 -3.41 -5.48 -10.71
N CYS A 27 -3.34 -4.19 -10.28
CA CYS A 27 -2.84 -3.92 -8.93
C CYS A 27 -3.74 -4.60 -7.93
N CYS A 28 -5.09 -4.47 -8.03
CA CYS A 28 -5.96 -5.06 -7.01
C CYS A 28 -5.66 -6.51 -6.75
N GLY A 29 -5.39 -7.36 -7.77
CA GLY A 29 -5.06 -8.75 -7.48
C GLY A 29 -3.85 -8.82 -6.57
N GLY A 30 -2.74 -8.14 -6.96
CA GLY A 30 -1.56 -8.14 -6.10
C GLY A 30 -1.85 -7.57 -4.74
N VAL A 31 -2.66 -6.49 -4.63
CA VAL A 31 -2.97 -5.93 -3.33
C VAL A 31 -3.71 -7.01 -2.58
N LYS A 32 -4.86 -7.49 -3.07
CA LYS A 32 -5.56 -8.56 -2.35
C LYS A 32 -4.61 -9.67 -1.93
N ALA A 33 -3.61 -10.03 -2.76
CA ALA A 33 -2.68 -11.08 -2.36
C ALA A 33 -1.82 -10.64 -1.17
N LEU A 34 -1.18 -9.44 -1.18
CA LEU A 34 -0.37 -9.05 -0.03
C LEU A 34 -1.25 -9.00 1.20
N VAL A 35 -2.55 -8.65 1.07
CA VAL A 35 -3.39 -8.48 2.25
C VAL A 35 -3.48 -9.77 3.03
N ASN A 36 -3.68 -10.91 2.34
CA ASN A 36 -3.67 -12.19 3.05
C ASN A 36 -2.38 -12.31 3.82
N SER A 37 -1.23 -11.97 3.19
CA SER A 37 0.03 -11.89 3.92
C SER A 37 0.20 -10.48 4.48
N ALA A 38 -0.75 -10.05 5.31
CA ALA A 38 -0.69 -8.72 5.95
C ALA A 38 -1.50 -8.82 7.23
N ARG A 39 -2.80 -9.18 7.16
CA ARG A 39 -3.59 -9.33 8.38
C ARG A 39 -3.14 -10.48 9.25
N THR A 40 -1.93 -10.39 9.84
CA THR A 40 -1.50 -11.33 10.88
C THR A 40 -0.75 -10.51 11.90
N THR A 41 -1.26 -9.30 12.22
CA THR A 41 -0.55 -8.38 13.13
C THR A 41 0.79 -7.91 12.61
N GLU A 42 1.79 -8.80 12.47
CA GLU A 42 3.15 -8.35 12.15
C GLU A 42 3.26 -8.01 10.69
N ASP A 43 2.82 -8.92 9.79
CA ASP A 43 2.95 -8.64 8.36
C ASP A 43 2.34 -7.28 8.05
N ARG A 44 1.10 -6.99 8.49
CA ARG A 44 0.52 -5.65 8.27
C ARG A 44 1.34 -4.56 8.95
N GLN A 45 1.99 -4.79 10.12
CA GLN A 45 2.82 -3.73 10.70
C GLN A 45 3.94 -3.41 9.74
N ILE A 46 4.60 -4.42 9.13
CA ILE A 46 5.70 -4.11 8.23
C ILE A 46 5.13 -3.49 6.97
N ALA A 47 4.06 -4.07 6.38
CA ALA A 47 3.48 -3.48 5.16
C ALA A 47 3.22 -2.01 5.40
N CYS A 48 2.52 -1.66 6.50
CA CYS A 48 2.21 -0.27 6.77
C CYS A 48 3.41 0.64 6.65
N THR A 49 4.56 0.26 7.25
CA THR A 49 5.74 1.12 7.21
C THR A 49 6.26 1.15 5.79
N CYS A 50 6.39 -0.03 5.16
CA CYS A 50 6.83 -0.07 3.76
C CYS A 50 5.96 0.82 2.91
N LEU A 51 4.64 0.81 3.16
CA LEU A 51 3.73 1.64 2.38
C LEU A 51 3.97 3.09 2.70
N LYS A 52 4.08 3.47 3.99
CA LYS A 52 4.42 4.85 4.32
C LYS A 52 5.67 5.23 3.55
N SER A 53 6.68 4.33 3.48
CA SER A 53 7.87 4.63 2.68
C SER A 53 7.54 4.69 1.20
N ALA A 54 6.75 3.75 0.65
CA ALA A 54 6.47 3.74 -0.79
C ALA A 54 5.76 5.03 -1.17
N ALA A 55 4.74 5.43 -0.38
CA ALA A 55 4.04 6.68 -0.64
C ALA A 55 4.99 7.84 -0.39
N GLY A 56 5.76 7.84 0.73
CA GLY A 56 6.75 8.89 0.92
C GLY A 56 7.96 8.66 0.04
N ALA A 57 7.79 8.82 -1.30
CA ALA A 57 8.89 8.57 -2.24
C ALA A 57 8.50 9.00 -3.64
N ILE A 58 7.36 8.49 -4.17
CA ILE A 58 6.89 8.90 -5.49
C ILE A 58 6.95 10.42 -5.59
N SER A 59 7.61 11.03 -6.61
CA SER A 59 7.73 12.50 -6.64
C SER A 59 6.44 13.22 -6.92
N GLY A 60 5.63 12.77 -7.91
CA GLY A 60 4.42 13.49 -8.32
C GLY A 60 3.25 12.76 -7.73
N ILE A 61 3.27 12.54 -6.40
CA ILE A 61 2.28 11.66 -5.80
C ILE A 61 0.93 12.35 -5.65
N ASN A 62 -0.20 11.63 -5.84
CA ASN A 62 -1.51 12.22 -5.54
C ASN A 62 -1.96 11.71 -4.19
N LEU A 63 -2.12 12.59 -3.18
CA LEU A 63 -2.46 12.12 -1.83
C LEU A 63 -3.74 11.32 -1.83
N GLY A 64 -4.82 11.82 -2.49
CA GLY A 64 -6.06 11.08 -2.49
C GLY A 64 -5.88 9.71 -3.09
N LYS A 65 -5.08 9.55 -4.16
CA LYS A 65 -4.91 8.21 -4.74
C LYS A 65 -4.13 7.34 -3.78
N ALA A 66 -3.04 7.84 -3.15
CA ALA A 66 -2.38 7.05 -2.11
C ALA A 66 -3.42 6.57 -1.12
N ALA A 67 -4.20 7.50 -0.51
CA ALA A 67 -5.22 7.07 0.46
C ALA A 67 -6.46 6.45 -0.15
N GLY A 68 -6.66 6.47 -1.49
CA GLY A 68 -7.78 5.78 -2.12
C GLY A 68 -7.46 4.36 -2.52
N LEU A 69 -6.23 3.83 -2.36
CA LEU A 69 -5.98 2.44 -2.74
C LEU A 69 -6.84 1.44 -1.97
N PRO A 70 -7.08 1.53 -0.64
CA PRO A 70 -7.95 0.55 -0.01
C PRO A 70 -9.31 0.54 -0.66
N SER A 71 -9.90 1.75 -0.81
CA SER A 71 -11.25 1.86 -1.34
C SER A 71 -11.28 1.37 -2.77
N THR A 72 -10.27 1.77 -3.57
CA THR A 72 -10.29 1.40 -4.98
C THR A 72 -10.22 -0.10 -5.09
N CYS A 73 -9.23 -0.72 -4.41
CA CYS A 73 -9.16 -2.19 -4.40
C CYS A 73 -9.76 -2.63 -3.09
N GLY A 74 -11.10 -2.50 -2.90
CA GLY A 74 -11.74 -2.90 -1.65
C GLY A 74 -11.03 -4.00 -0.87
N VAL A 75 -10.26 -3.67 0.20
CA VAL A 75 -9.62 -4.72 1.01
C VAL A 75 -9.71 -4.37 2.49
N ASN A 76 -9.65 -5.37 3.41
CA ASN A 76 -9.87 -5.09 4.84
C ASN A 76 -8.57 -4.73 5.54
N ILE A 77 -7.95 -3.58 5.16
CA ILE A 77 -6.66 -3.16 5.74
C ILE A 77 -6.88 -2.08 6.80
N PRO A 78 -6.28 -2.06 8.02
CA PRO A 78 -6.54 -0.93 8.92
C PRO A 78 -5.95 0.34 8.34
N TYR A 79 -4.66 0.28 7.94
CA TYR A 79 -3.98 1.47 7.43
C TYR A 79 -4.64 1.93 6.17
N LYS A 80 -4.56 3.24 5.81
CA LYS A 80 -5.08 3.68 4.51
C LYS A 80 -3.96 4.01 3.56
N ILE A 81 -2.76 3.40 3.69
CA ILE A 81 -1.69 3.66 2.73
C ILE A 81 -1.48 5.16 2.59
N SER A 82 -1.48 5.90 3.73
CA SER A 82 -1.29 7.35 3.69
C SER A 82 0.11 7.67 4.16
N PRO A 83 0.91 8.60 3.60
CA PRO A 83 2.28 8.80 4.11
C PRO A 83 2.25 9.44 5.48
N SER A 84 1.82 8.69 6.52
CA SER A 84 1.67 9.25 7.87
C SER A 84 1.39 8.16 8.87
N THR A 85 0.35 7.32 8.63
CA THR A 85 0.06 6.21 9.55
C THR A 85 1.33 5.59 10.10
N ASP A 86 1.60 5.62 11.42
CA ASP A 86 2.74 4.88 11.95
C ASP A 86 2.25 3.50 12.32
N CYS A 87 3.08 2.44 12.16
CA CYS A 87 2.70 1.13 12.69
C CYS A 87 3.92 0.41 13.24
N SER A 88 4.82 1.13 13.92
CA SER A 88 6.01 0.50 14.46
C SER A 88 5.69 -0.18 15.77
N LYS A 89 4.53 0.12 16.42
CA LYS A 89 4.22 -0.48 17.71
C LYS A 89 2.72 -0.55 17.86
N VAL A 90 2.02 -1.19 16.89
CA VAL A 90 0.55 -1.22 16.96
C VAL A 90 0.12 -1.92 18.23
N GLN A 91 -0.89 -1.37 18.94
CA GLN A 91 -1.43 -2.05 20.12
C GLN A 91 -2.65 -2.84 19.69
N ALA A 1 11.04 -12.23 9.06
CA ALA A 1 10.26 -10.97 8.96
C ALA A 1 9.87 -10.70 7.53
N ILE A 2 8.76 -9.97 7.27
CA ILE A 2 8.35 -9.69 5.89
C ILE A 2 9.21 -8.54 5.42
N THR A 3 9.57 -8.39 4.12
CA THR A 3 10.37 -7.25 3.68
C THR A 3 9.60 -6.30 2.78
N CYS A 4 9.93 -4.99 2.82
CA CYS A 4 9.25 -4.02 1.96
C CYS A 4 9.51 -4.26 0.49
N GLY A 5 10.67 -4.85 0.09
CA GLY A 5 10.89 -5.08 -1.34
C GLY A 5 9.79 -5.92 -1.95
N GLN A 6 9.39 -7.02 -1.28
CA GLN A 6 8.33 -7.88 -1.84
C GLN A 6 7.05 -7.07 -1.97
N VAL A 7 6.71 -6.32 -0.90
CA VAL A 7 5.48 -5.53 -0.91
C VAL A 7 5.61 -4.57 -2.08
N THR A 8 6.74 -3.84 -2.21
CA THR A 8 6.89 -2.84 -3.27
C THR A 8 6.55 -3.46 -4.61
N SER A 9 7.08 -4.67 -4.91
CA SER A 9 6.79 -5.31 -6.20
C SER A 9 5.30 -5.41 -6.45
N ASN A 10 4.50 -5.81 -5.45
CA ASN A 10 3.05 -5.88 -5.67
C ASN A 10 2.46 -4.54 -6.08
N LEU A 11 3.00 -3.40 -5.58
CA LEU A 11 2.42 -2.11 -5.93
C LEU A 11 2.85 -1.70 -7.33
N ALA A 12 3.69 -2.46 -8.08
CA ALA A 12 4.19 -1.98 -9.38
C ALA A 12 3.13 -1.27 -10.18
N PRO A 13 1.94 -1.86 -10.49
CA PRO A 13 0.96 -1.14 -11.30
C PRO A 13 0.29 -0.01 -10.53
N CYS A 14 0.28 -0.09 -9.19
CA CYS A 14 -0.37 0.95 -8.39
C CYS A 14 0.52 2.18 -8.41
N LEU A 15 1.86 2.04 -8.32
CA LEU A 15 2.75 3.20 -8.36
C LEU A 15 2.29 4.18 -9.43
N ALA A 16 1.94 3.68 -10.62
CA ALA A 16 1.45 4.56 -11.69
C ALA A 16 0.15 5.25 -11.28
N TYR A 17 -0.80 4.51 -10.67
CA TYR A 17 -2.01 5.16 -10.13
C TYR A 17 -1.65 6.15 -9.05
N LEU A 18 -0.67 5.84 -8.17
CA LEU A 18 -0.26 6.80 -7.14
C LEU A 18 0.18 8.10 -7.78
N ARG A 19 0.81 8.03 -8.98
CA ARG A 19 1.17 9.25 -9.73
C ARG A 19 0.01 9.73 -10.60
N ASN A 20 -1.26 9.38 -10.32
CA ASN A 20 -2.38 9.74 -11.22
C ASN A 20 -2.07 9.62 -12.71
N THR A 21 -1.18 8.70 -13.12
CA THR A 21 -0.78 8.62 -14.54
C THR A 21 -1.39 7.40 -15.19
N GLY A 22 -1.12 6.18 -14.66
CA GLY A 22 -1.63 4.96 -15.28
C GLY A 22 -2.79 4.41 -14.48
N PRO A 23 -3.75 3.65 -15.05
CA PRO A 23 -4.88 3.18 -14.25
C PRO A 23 -4.48 2.09 -13.29
N LEU A 24 -5.47 1.56 -12.52
CA LEU A 24 -5.22 0.50 -11.56
C LEU A 24 -5.02 -0.80 -12.31
N GLY A 25 -6.00 -1.19 -13.17
CA GLY A 25 -5.89 -2.47 -13.86
C GLY A 25 -5.59 -3.58 -12.87
N ARG A 26 -4.46 -4.31 -13.04
CA ARG A 26 -4.13 -5.41 -12.12
C ARG A 26 -3.58 -4.96 -10.78
N CYS A 27 -3.37 -3.64 -10.51
CA CYS A 27 -3.00 -3.22 -9.17
C CYS A 27 -3.88 -3.89 -8.14
N CYS A 28 -5.22 -3.90 -8.34
CA CYS A 28 -6.11 -4.46 -7.32
C CYS A 28 -5.71 -5.88 -6.96
N GLY A 29 -5.26 -6.71 -7.93
CA GLY A 29 -4.82 -8.06 -7.59
C GLY A 29 -3.67 -8.00 -6.61
N GLY A 30 -2.62 -7.18 -6.89
CA GLY A 30 -1.54 -7.05 -5.92
C GLY A 30 -2.11 -6.61 -4.60
N VAL A 31 -2.98 -5.57 -4.61
CA VAL A 31 -3.59 -5.08 -3.37
C VAL A 31 -4.21 -6.24 -2.63
N LYS A 32 -4.94 -7.14 -3.33
CA LYS A 32 -5.57 -8.27 -2.65
C LYS A 32 -4.54 -9.09 -1.90
N ALA A 33 -3.39 -9.45 -2.51
CA ALA A 33 -2.37 -10.17 -1.74
C ALA A 33 -1.87 -9.35 -0.56
N LEU A 34 -1.88 -8.00 -0.62
CA LEU A 34 -1.51 -7.20 0.55
C LEU A 34 -2.49 -7.45 1.67
N VAL A 35 -3.78 -7.73 1.38
CA VAL A 35 -4.72 -8.02 2.47
C VAL A 35 -4.18 -9.15 3.31
N ASN A 36 -3.78 -10.27 2.66
CA ASN A 36 -3.24 -11.38 3.43
C ASN A 36 -1.89 -10.95 3.97
N SER A 37 -1.08 -10.20 3.19
CA SER A 37 0.15 -9.64 3.76
C SER A 37 -0.26 -8.40 4.54
N ALA A 38 -1.10 -8.61 5.58
CA ALA A 38 -1.60 -7.51 6.41
C ALA A 38 -2.34 -8.07 7.59
N ARG A 39 -3.35 -8.95 7.36
CA ARG A 39 -4.03 -9.62 8.48
C ARG A 39 -3.23 -10.77 9.02
N THR A 40 -1.99 -10.47 9.48
CA THR A 40 -1.17 -11.43 10.24
C THR A 40 -0.34 -10.63 11.23
N THR A 41 -0.95 -9.58 11.86
CA THR A 41 -0.23 -8.70 12.78
C THR A 41 1.06 -8.07 12.24
N GLU A 42 2.18 -8.80 12.12
CA GLU A 42 3.43 -8.14 11.70
C GLU A 42 3.31 -7.79 10.23
N ASP A 43 2.73 -8.67 9.40
CA ASP A 43 2.55 -8.29 8.00
C ASP A 43 1.97 -6.89 7.86
N ARG A 44 0.85 -6.52 8.51
CA ARG A 44 0.34 -5.14 8.34
C ARG A 44 1.39 -4.16 8.80
N GLN A 45 2.17 -4.46 9.85
CA GLN A 45 3.17 -3.50 10.29
C GLN A 45 4.16 -3.27 9.17
N ILE A 46 4.57 -4.36 8.49
CA ILE A 46 5.55 -4.23 7.42
C ILE A 46 4.88 -3.56 6.23
N ALA A 47 3.69 -4.03 5.78
CA ALA A 47 3.03 -3.36 4.65
C ALA A 47 2.87 -1.88 4.95
N CYS A 48 2.12 -1.47 5.99
CA CYS A 48 1.92 -0.04 6.22
C CYS A 48 3.22 0.75 6.17
N THR A 49 4.33 0.28 6.79
CA THR A 49 5.58 1.05 6.73
C THR A 49 6.12 1.03 5.33
N CYS A 50 6.20 -0.17 4.70
CA CYS A 50 6.71 -0.22 3.34
C CYS A 50 5.97 0.75 2.46
N LEU A 51 4.63 0.86 2.64
CA LEU A 51 3.85 1.71 1.75
C LEU A 51 4.01 3.16 2.15
N LYS A 52 4.00 3.47 3.46
CA LYS A 52 4.35 4.82 3.89
C LYS A 52 5.61 5.25 3.18
N SER A 53 6.65 4.38 3.19
CA SER A 53 7.90 4.71 2.50
C SER A 53 7.68 4.85 1.01
N ALA A 54 6.99 3.89 0.34
CA ALA A 54 6.76 4.04 -1.11
C ALA A 54 6.09 5.36 -1.37
N ALA A 55 4.94 5.64 -0.72
CA ALA A 55 4.19 6.88 -0.98
C ALA A 55 5.15 8.05 -0.94
N GLY A 56 5.96 8.16 0.14
CA GLY A 56 6.92 9.26 0.22
C GLY A 56 7.91 9.23 -0.92
N ALA A 57 8.37 8.03 -1.35
CA ALA A 57 9.31 7.98 -2.47
C ALA A 57 8.69 8.39 -3.78
N ILE A 58 7.37 8.19 -4.01
CA ILE A 58 6.79 8.50 -5.32
C ILE A 58 6.94 9.97 -5.64
N SER A 59 7.32 10.34 -6.90
CA SER A 59 7.51 11.75 -7.25
C SER A 59 6.22 12.54 -7.29
N GLY A 60 5.18 12.10 -8.04
CA GLY A 60 3.93 12.85 -8.13
C GLY A 60 2.88 12.26 -7.21
N ILE A 61 3.29 11.85 -5.99
CA ILE A 61 2.36 11.17 -5.09
C ILE A 61 1.06 11.95 -4.91
N ASN A 62 -0.14 11.40 -5.21
CA ASN A 62 -1.39 12.10 -4.87
C ASN A 62 -1.96 11.50 -3.60
N LEU A 63 -2.04 12.25 -2.49
CA LEU A 63 -2.54 11.69 -1.23
C LEU A 63 -3.90 11.06 -1.42
N GLY A 64 -4.85 11.73 -2.12
CA GLY A 64 -6.20 11.17 -2.26
C GLY A 64 -6.23 9.79 -2.88
N LYS A 65 -5.44 9.55 -3.95
CA LYS A 65 -5.43 8.21 -4.56
C LYS A 65 -4.67 7.27 -3.65
N ALA A 66 -3.56 7.69 -3.02
CA ALA A 66 -2.84 6.78 -2.12
C ALA A 66 -3.77 6.30 -1.01
N ALA A 67 -4.35 7.24 -0.24
CA ALA A 67 -5.27 6.81 0.82
C ALA A 67 -6.54 6.24 0.26
N GLY A 68 -6.99 6.66 -0.95
CA GLY A 68 -8.14 6.02 -1.58
C GLY A 68 -7.79 4.72 -2.27
N LEU A 69 -6.53 4.24 -2.25
CA LEU A 69 -6.22 3.01 -2.99
C LEU A 69 -7.04 1.85 -2.46
N PRO A 70 -7.16 1.52 -1.14
CA PRO A 70 -8.03 0.40 -0.77
C PRO A 70 -9.47 0.70 -1.08
N SER A 71 -9.91 1.98 -1.00
CA SER A 71 -11.30 2.33 -1.26
C SER A 71 -11.67 2.11 -2.72
N THR A 72 -10.74 2.45 -3.66
CA THR A 72 -11.06 2.32 -5.08
C THR A 72 -11.32 0.86 -5.37
N CYS A 73 -10.52 -0.05 -4.77
CA CYS A 73 -10.79 -1.49 -4.87
C CYS A 73 -11.07 -1.97 -3.46
N GLY A 74 -12.33 -1.92 -2.98
CA GLY A 74 -12.64 -2.38 -1.63
C GLY A 74 -11.91 -3.65 -1.25
N VAL A 75 -11.20 -3.67 -0.09
CA VAL A 75 -10.42 -4.85 0.30
C VAL A 75 -10.36 -4.87 1.81
N ASN A 76 -10.03 -6.01 2.49
CA ASN A 76 -9.99 -6.02 3.95
C ASN A 76 -8.64 -5.50 4.44
N ILE A 77 -8.21 -4.30 4.02
CA ILE A 77 -6.90 -3.76 4.44
C ILE A 77 -7.12 -2.94 5.69
N PRO A 78 -6.51 -3.20 6.89
CA PRO A 78 -6.72 -2.33 8.03
C PRO A 78 -5.74 -1.16 8.03
N TYR A 79 -5.84 -0.26 7.04
CA TYR A 79 -4.97 0.92 6.95
C TYR A 79 -5.33 1.74 5.72
N LYS A 80 -5.23 3.08 5.74
CA LYS A 80 -5.58 3.90 4.56
C LYS A 80 -4.29 4.49 4.04
N ILE A 81 -3.29 3.62 3.85
CA ILE A 81 -2.01 3.97 3.27
C ILE A 81 -1.61 5.41 3.54
N SER A 82 -1.47 5.83 4.81
CA SER A 82 -1.13 7.23 5.04
C SER A 82 0.37 7.41 4.94
N PRO A 83 0.97 8.42 4.26
CA PRO A 83 2.41 8.63 4.36
C PRO A 83 2.93 9.03 5.73
N SER A 84 2.15 8.95 6.84
CA SER A 84 2.64 9.26 8.18
C SER A 84 2.08 8.30 9.21
N THR A 85 1.72 7.05 8.84
CA THR A 85 1.12 6.14 9.82
C THR A 85 2.16 5.49 10.72
N ASP A 86 1.82 5.22 12.00
CA ASP A 86 2.73 4.53 12.90
C ASP A 86 2.51 3.05 12.74
N CYS A 87 3.56 2.20 12.84
CA CYS A 87 3.37 0.75 12.78
C CYS A 87 4.16 0.00 13.84
N SER A 88 4.43 0.63 15.00
CA SER A 88 5.32 0.05 16.01
C SER A 88 4.57 -0.61 17.14
N LYS A 89 3.37 -0.14 17.54
CA LYS A 89 2.62 -0.78 18.64
C LYS A 89 1.28 -1.20 18.10
N VAL A 90 1.26 -1.91 16.94
CA VAL A 90 -0.01 -2.30 16.34
C VAL A 90 -0.40 -3.68 16.79
N GLN A 91 -1.70 -3.91 17.10
CA GLN A 91 -2.16 -5.24 17.51
C GLN A 91 -3.49 -5.48 16.83
N ALA A 1 7.43 -13.34 8.12
CA ALA A 1 8.73 -12.77 7.67
C ALA A 1 8.55 -12.00 6.38
N ILE A 2 7.80 -10.88 6.40
CA ILE A 2 7.49 -10.15 5.18
C ILE A 2 8.53 -9.07 4.99
N THR A 3 8.73 -8.58 3.75
CA THR A 3 9.76 -7.56 3.51
C THR A 3 9.27 -6.59 2.46
N CYS A 4 9.71 -5.32 2.51
CA CYS A 4 9.21 -4.35 1.53
C CYS A 4 9.39 -4.80 0.10
N GLY A 5 10.45 -5.57 -0.27
CA GLY A 5 10.62 -5.97 -1.66
C GLY A 5 9.38 -6.62 -2.23
N GLN A 6 8.81 -7.63 -1.53
CA GLN A 6 7.58 -8.27 -2.02
C GLN A 6 6.48 -7.24 -2.18
N VAL A 7 6.44 -6.23 -1.30
CA VAL A 7 5.33 -5.28 -1.27
C VAL A 7 5.47 -4.32 -2.45
N THR A 8 6.65 -3.68 -2.60
CA THR A 8 6.88 -2.78 -3.74
C THR A 8 6.64 -3.52 -5.04
N SER A 9 7.07 -4.81 -5.12
CA SER A 9 6.92 -5.56 -6.37
C SER A 9 5.45 -5.76 -6.71
N ASN A 10 4.64 -6.30 -5.77
CA ASN A 10 3.21 -6.51 -6.05
C ASN A 10 2.55 -5.18 -6.33
N LEU A 11 2.87 -4.11 -5.57
CA LEU A 11 2.26 -2.81 -5.82
C LEU A 11 2.88 -2.04 -6.96
N ALA A 12 3.65 -2.65 -7.90
CA ALA A 12 4.30 -1.84 -8.93
C ALA A 12 3.33 -0.97 -9.69
N PRO A 13 2.21 -1.43 -10.32
CA PRO A 13 1.39 -0.49 -11.08
C PRO A 13 0.67 0.46 -10.15
N CYS A 14 0.37 0.03 -8.89
CA CYS A 14 -0.27 0.94 -7.95
C CYS A 14 0.65 2.13 -7.72
N LEU A 15 1.98 1.95 -7.65
CA LEU A 15 2.87 3.10 -7.44
C LEU A 15 2.59 4.13 -8.51
N ALA A 16 2.48 3.67 -9.78
CA ALA A 16 2.20 4.60 -10.87
C ALA A 16 0.89 5.33 -10.63
N TYR A 17 -0.14 4.62 -10.13
CA TYR A 17 -1.41 5.27 -9.77
C TYR A 17 -1.27 6.27 -8.67
N LEU A 18 -0.42 6.00 -7.65
CA LEU A 18 -0.24 7.00 -6.59
C LEU A 18 0.36 8.27 -7.17
N ARG A 19 1.31 8.13 -8.11
CA ARG A 19 1.87 9.30 -8.79
C ARG A 19 0.83 10.00 -9.65
N ASN A 20 -0.36 9.42 -9.91
CA ASN A 20 -1.38 10.06 -10.76
C ASN A 20 -0.83 10.19 -12.15
N THR A 21 -0.46 9.05 -12.78
CA THR A 21 0.05 9.08 -14.15
C THR A 21 -0.03 7.73 -14.85
N GLY A 22 0.42 6.60 -14.27
CA GLY A 22 0.31 5.32 -14.96
C GLY A 22 -0.89 4.57 -14.43
N PRO A 23 -1.62 3.75 -15.23
CA PRO A 23 -2.84 3.13 -14.71
C PRO A 23 -2.63 2.02 -13.70
N LEU A 24 -3.39 1.96 -12.58
CA LEU A 24 -3.31 0.83 -11.67
C LEU A 24 -3.63 -0.48 -12.35
N GLY A 25 -4.53 -0.51 -13.36
CA GLY A 25 -4.86 -1.79 -13.98
C GLY A 25 -5.18 -2.88 -12.99
N ARG A 26 -4.61 -4.10 -13.13
CA ARG A 26 -4.94 -5.20 -12.21
C ARG A 26 -4.00 -5.26 -11.02
N CYS A 27 -3.46 -4.11 -10.53
CA CYS A 27 -2.64 -4.14 -9.31
C CYS A 27 -3.41 -4.78 -8.18
N CYS A 28 -4.72 -4.47 -8.08
CA CYS A 28 -5.52 -4.90 -6.93
C CYS A 28 -5.32 -6.37 -6.61
N GLY A 29 -5.20 -7.25 -7.62
CA GLY A 29 -4.97 -8.67 -7.35
C GLY A 29 -3.75 -8.89 -6.49
N GLY A 30 -2.60 -8.30 -6.87
CA GLY A 30 -1.39 -8.48 -6.04
C GLY A 30 -1.55 -7.85 -4.68
N VAL A 31 -2.34 -6.76 -4.57
CA VAL A 31 -2.55 -6.15 -3.25
C VAL A 31 -3.23 -7.19 -2.39
N LYS A 32 -4.37 -7.72 -2.89
CA LYS A 32 -5.16 -8.68 -2.12
C LYS A 32 -4.29 -9.77 -1.56
N ALA A 33 -3.42 -10.39 -2.40
CA ALA A 33 -2.55 -11.45 -1.89
C ALA A 33 -1.83 -11.00 -0.65
N LEU A 34 -1.22 -9.80 -0.65
CA LEU A 34 -0.45 -9.36 0.52
C LEU A 34 -1.32 -9.10 1.72
N VAL A 35 -2.60 -8.69 1.54
CA VAL A 35 -3.46 -8.41 2.68
C VAL A 35 -3.33 -9.56 3.66
N ASN A 36 -3.40 -10.80 3.13
CA ASN A 36 -3.28 -11.98 3.99
C ASN A 36 -1.99 -11.89 4.76
N SER A 37 -0.89 -11.53 4.07
CA SER A 37 0.37 -11.25 4.76
C SER A 37 0.48 -9.78 5.12
N ALA A 38 -0.58 -9.19 5.71
CA ALA A 38 -0.50 -7.83 6.24
C ALA A 38 -1.60 -7.63 7.27
N ARG A 39 -1.72 -8.59 8.20
CA ARG A 39 -2.81 -8.64 9.18
C ARG A 39 -2.38 -9.27 10.51
N THR A 40 -1.59 -10.37 10.55
CA THR A 40 -1.08 -10.94 11.82
C THR A 40 -0.22 -10.02 12.69
N THR A 41 -0.57 -8.74 12.95
CA THR A 41 0.23 -7.88 13.85
C THR A 41 1.61 -7.50 13.36
N GLU A 42 2.49 -8.47 13.03
CA GLU A 42 3.83 -8.11 12.61
C GLU A 42 3.75 -7.72 11.15
N ASP A 43 3.43 -8.68 10.25
CA ASP A 43 3.37 -8.38 8.82
C ASP A 43 2.54 -7.13 8.59
N ARG A 44 1.39 -7.06 9.29
CA ARG A 44 0.51 -5.89 9.24
C ARG A 44 1.27 -4.58 9.29
N GLN A 45 2.16 -4.43 10.27
CA GLN A 45 2.90 -3.18 10.40
C GLN A 45 3.98 -3.12 9.34
N ILE A 46 4.66 -4.25 9.05
CA ILE A 46 5.67 -4.25 7.98
C ILE A 46 5.07 -3.74 6.69
N ALA A 47 3.91 -4.25 6.25
CA ALA A 47 3.38 -3.83 4.95
C ALA A 47 2.97 -2.38 5.06
N CYS A 48 2.30 -1.97 6.16
CA CYS A 48 1.98 -0.56 6.34
C CYS A 48 3.22 0.30 6.21
N THR A 49 4.30 0.07 6.99
CA THR A 49 5.49 0.93 6.86
C THR A 49 6.13 0.81 5.50
N CYS A 50 6.19 -0.41 4.91
CA CYS A 50 6.78 -0.53 3.59
C CYS A 50 5.99 0.30 2.60
N LEU A 51 4.65 0.18 2.61
CA LEU A 51 3.87 0.97 1.67
C LEU A 51 4.01 2.43 1.99
N LYS A 52 3.75 2.84 3.25
CA LYS A 52 4.00 4.22 3.65
C LYS A 52 5.30 4.71 3.02
N SER A 53 6.37 3.87 3.01
CA SER A 53 7.63 4.29 2.40
C SER A 53 7.52 4.33 0.89
N ALA A 54 7.01 3.26 0.24
CA ALA A 54 6.90 3.27 -1.22
C ALA A 54 6.07 4.45 -1.69
N ALA A 55 4.94 4.71 -1.00
CA ALA A 55 4.15 5.92 -1.27
C ALA A 55 5.02 7.13 -1.08
N GLY A 56 5.58 7.31 0.14
CA GLY A 56 6.34 8.53 0.42
C GLY A 56 7.55 8.71 -0.47
N ALA A 57 8.10 7.62 -1.07
CA ALA A 57 9.23 7.78 -1.99
C ALA A 57 8.85 8.61 -3.21
N ILE A 58 7.56 8.66 -3.62
CA ILE A 58 7.20 9.35 -4.85
C ILE A 58 7.13 10.84 -4.59
N SER A 59 7.76 11.71 -5.42
CA SER A 59 7.68 13.16 -5.17
C SER A 59 6.32 13.68 -5.58
N GLY A 60 5.83 13.37 -6.80
CA GLY A 60 4.49 13.79 -7.19
C GLY A 60 3.42 12.87 -6.65
N ILE A 61 3.52 12.40 -5.39
CA ILE A 61 2.50 11.51 -4.85
C ILE A 61 1.17 12.23 -4.74
N ASN A 62 0.03 11.59 -5.09
CA ASN A 62 -1.27 12.22 -4.87
C ASN A 62 -1.80 11.80 -3.50
N LEU A 63 -2.12 12.75 -2.59
CA LEU A 63 -2.53 12.39 -1.23
C LEU A 63 -3.86 11.66 -1.29
N GLY A 64 -4.87 12.23 -1.98
CA GLY A 64 -6.18 11.58 -2.04
C GLY A 64 -6.09 10.19 -2.60
N LYS A 65 -5.31 9.95 -3.69
CA LYS A 65 -5.22 8.59 -4.22
C LYS A 65 -4.43 7.70 -3.29
N ALA A 66 -3.44 8.20 -2.53
CA ALA A 66 -2.83 7.34 -1.51
C ALA A 66 -3.91 6.84 -0.57
N ALA A 67 -4.74 7.74 -0.02
CA ALA A 67 -5.81 7.26 0.86
C ALA A 67 -6.89 6.54 0.08
N GLY A 68 -7.09 6.86 -1.22
CA GLY A 68 -8.07 6.15 -2.04
C GLY A 68 -7.59 4.81 -2.53
N LEU A 69 -6.26 4.55 -2.60
CA LEU A 69 -5.81 3.26 -3.10
C LEU A 69 -6.50 2.07 -2.47
N PRO A 70 -6.62 1.87 -1.13
CA PRO A 70 -7.36 0.72 -0.64
C PRO A 70 -8.82 0.77 -1.04
N SER A 71 -9.39 1.97 -1.35
CA SER A 71 -10.78 2.01 -1.81
C SER A 71 -10.84 1.58 -3.26
N THR A 72 -10.01 2.19 -4.15
CA THR A 72 -10.03 1.81 -5.57
C THR A 72 -9.67 0.35 -5.70
N CYS A 73 -8.59 -0.09 -5.02
CA CYS A 73 -8.30 -1.51 -4.92
C CYS A 73 -8.94 -2.02 -3.65
N GLY A 74 -10.29 -2.08 -3.58
CA GLY A 74 -10.96 -2.64 -2.41
C GLY A 74 -10.19 -3.75 -1.74
N VAL A 75 -9.61 -3.53 -0.53
CA VAL A 75 -8.93 -4.60 0.18
C VAL A 75 -9.14 -4.48 1.67
N ASN A 76 -9.04 -5.58 2.46
CA ASN A 76 -9.33 -5.49 3.89
C ASN A 76 -8.08 -5.11 4.66
N ILE A 77 -7.45 -3.96 4.35
CA ILE A 77 -6.26 -3.54 5.07
C ILE A 77 -6.61 -2.55 6.17
N PRO A 78 -6.10 -2.63 7.43
CA PRO A 78 -6.41 -1.62 8.43
C PRO A 78 -5.43 -0.45 8.38
N TYR A 79 -5.20 0.16 7.20
CA TYR A 79 -4.33 1.33 7.10
C TYR A 79 -4.55 2.05 5.79
N LYS A 80 -4.53 3.41 5.73
CA LYS A 80 -4.83 4.10 4.47
C LYS A 80 -3.62 4.30 3.58
N ILE A 81 -2.58 3.44 3.65
CA ILE A 81 -1.41 3.57 2.77
C ILE A 81 -0.95 5.01 2.72
N SER A 82 -1.05 5.76 3.85
CA SER A 82 -0.80 7.21 3.78
C SER A 82 0.65 7.46 4.16
N PRO A 83 1.51 8.22 3.45
CA PRO A 83 2.90 8.37 3.88
C PRO A 83 3.00 9.30 5.08
N SER A 84 2.44 8.89 6.24
CA SER A 84 2.38 9.78 7.41
C SER A 84 1.75 9.07 8.60
N THR A 85 0.54 8.47 8.45
CA THR A 85 -0.06 7.73 9.57
C THR A 85 0.93 6.86 10.29
N ASP A 86 0.83 6.71 11.63
CA ASP A 86 1.74 5.82 12.35
C ASP A 86 1.37 4.39 12.02
N CYS A 87 2.33 3.54 11.56
CA CYS A 87 2.04 2.11 11.45
C CYS A 87 2.10 1.45 12.82
N SER A 88 2.91 1.96 13.78
CA SER A 88 3.11 1.23 15.04
C SER A 88 1.82 0.83 15.73
N LYS A 89 0.80 1.72 15.84
CA LYS A 89 -0.46 1.36 16.50
C LYS A 89 -1.46 0.77 15.51
N VAL A 90 -1.06 0.12 14.39
CA VAL A 90 -2.05 -0.44 13.47
C VAL A 90 -2.63 -1.73 14.04
N GLN A 91 -3.95 -1.78 14.33
CA GLN A 91 -4.61 -2.99 14.83
C GLN A 91 -5.42 -3.64 13.71
N ALA A 1 9.90 -14.48 4.99
CA ALA A 1 9.22 -13.46 5.83
C ALA A 1 8.80 -12.28 4.99
N ILE A 2 7.65 -11.66 5.30
CA ILE A 2 7.23 -10.45 4.59
C ILE A 2 8.34 -9.42 4.49
N THR A 3 8.39 -8.55 3.45
CA THR A 3 9.46 -7.55 3.37
C THR A 3 9.10 -6.43 2.42
N CYS A 4 9.56 -5.17 2.64
CA CYS A 4 9.18 -4.09 1.72
C CYS A 4 9.47 -4.36 0.26
N GLY A 5 10.54 -5.08 -0.12
CA GLY A 5 10.77 -5.34 -1.54
C GLY A 5 9.56 -6.00 -2.18
N GLN A 6 9.04 -7.08 -1.57
CA GLN A 6 7.86 -7.75 -2.14
C GLN A 6 6.70 -6.78 -2.18
N VAL A 7 6.48 -6.04 -1.06
CA VAL A 7 5.34 -5.13 -1.00
C VAL A 7 5.47 -4.16 -2.15
N THR A 8 6.61 -3.43 -2.22
CA THR A 8 6.76 -2.39 -3.23
C THR A 8 6.61 -2.99 -4.61
N SER A 9 7.16 -4.21 -4.83
CA SER A 9 7.06 -4.82 -6.16
C SER A 9 5.61 -5.09 -6.50
N ASN A 10 4.85 -5.77 -5.62
CA ASN A 10 3.43 -5.99 -5.90
C ASN A 10 2.72 -4.68 -6.18
N LEU A 11 3.14 -3.56 -5.56
CA LEU A 11 2.50 -2.27 -5.86
C LEU A 11 2.84 -1.74 -7.24
N ALA A 12 3.61 -2.42 -8.15
CA ALA A 12 4.03 -1.79 -9.40
C ALA A 12 2.95 -1.01 -10.14
N PRO A 13 1.76 -1.55 -10.52
CA PRO A 13 0.77 -0.71 -11.20
C PRO A 13 0.09 0.23 -10.23
N CYS A 14 0.19 0.02 -8.90
CA CYS A 14 -0.40 0.97 -7.95
C CYS A 14 0.46 2.22 -7.95
N LEU A 15 1.80 2.04 -7.80
CA LEU A 15 2.72 3.18 -7.82
C LEU A 15 2.36 4.09 -8.98
N ALA A 16 2.10 3.51 -10.17
CA ALA A 16 1.70 4.31 -11.32
C ALA A 16 0.43 5.10 -11.03
N TYR A 17 -0.60 4.48 -10.43
CA TYR A 17 -1.81 5.23 -10.05
C TYR A 17 -1.46 6.34 -9.08
N LEU A 18 -0.62 6.06 -8.06
CA LEU A 18 -0.24 7.11 -7.11
C LEU A 18 0.46 8.25 -7.80
N ARG A 19 1.34 7.94 -8.77
CA ARG A 19 2.04 8.97 -9.55
C ARG A 19 1.11 9.74 -10.48
N ASN A 20 -0.18 9.38 -10.61
CA ASN A 20 -1.09 10.15 -11.48
C ASN A 20 -0.63 10.03 -12.91
N THR A 21 -0.58 8.77 -13.41
CA THR A 21 -0.17 8.52 -14.80
C THR A 21 -0.61 7.18 -15.32
N GLY A 22 -0.43 6.04 -14.59
CA GLY A 22 -0.87 4.74 -15.09
C GLY A 22 -2.16 4.31 -14.42
N PRO A 23 -2.97 3.37 -14.97
CA PRO A 23 -4.22 3.01 -14.31
C PRO A 23 -4.01 2.00 -13.20
N LEU A 24 -5.07 1.68 -12.43
CA LEU A 24 -4.95 0.66 -11.39
C LEU A 24 -4.65 -0.69 -12.00
N GLY A 25 -5.38 -1.11 -13.06
CA GLY A 25 -5.09 -2.40 -13.68
C GLY A 25 -5.06 -3.53 -12.67
N ARG A 26 -3.93 -4.27 -12.50
CA ARG A 26 -3.87 -5.36 -11.52
C ARG A 26 -3.40 -4.88 -10.16
N CYS A 27 -3.45 -3.56 -9.85
CA CYS A 27 -3.08 -3.13 -8.51
C CYS A 27 -3.90 -3.86 -7.48
N CYS A 28 -5.24 -3.87 -7.60
CA CYS A 28 -6.04 -4.52 -6.57
C CYS A 28 -5.59 -5.96 -6.41
N GLY A 29 -5.22 -6.66 -7.50
CA GLY A 29 -4.71 -8.03 -7.36
C GLY A 29 -3.47 -8.07 -6.50
N GLY A 30 -2.46 -7.19 -6.75
CA GLY A 30 -1.28 -7.18 -5.90
C GLY A 30 -1.67 -6.85 -4.48
N VAL A 31 -2.45 -5.76 -4.29
CA VAL A 31 -2.85 -5.33 -2.94
C VAL A 31 -3.47 -6.53 -2.23
N LYS A 32 -4.45 -7.20 -2.87
CA LYS A 32 -5.11 -8.37 -2.26
C LYS A 32 -4.11 -9.37 -1.72
N ALA A 33 -3.11 -9.80 -2.52
CA ALA A 33 -2.12 -10.76 -2.03
C ALA A 33 -1.42 -10.24 -0.79
N LEU A 34 -1.11 -8.93 -0.75
CA LEU A 34 -0.41 -8.37 0.41
C LEU A 34 -1.33 -8.38 1.60
N VAL A 35 -2.60 -7.97 1.41
CA VAL A 35 -3.53 -7.90 2.53
C VAL A 35 -3.59 -9.25 3.21
N ASN A 36 -3.75 -10.34 2.44
CA ASN A 36 -3.70 -11.68 3.06
C ASN A 36 -2.43 -11.85 3.85
N SER A 37 -1.25 -11.45 3.30
CA SER A 37 0.00 -11.52 4.05
C SER A 37 0.29 -10.23 4.79
N ALA A 38 -0.75 -9.57 5.36
CA ALA A 38 -0.53 -8.33 6.10
C ALA A 38 -1.73 -8.05 6.97
N ARG A 39 -2.21 -9.03 7.75
CA ARG A 39 -3.39 -8.82 8.61
C ARG A 39 -3.32 -9.62 9.89
N THR A 40 -2.13 -9.79 10.52
CA THR A 40 -2.05 -10.50 11.79
C THR A 40 -1.07 -9.79 12.69
N THR A 41 -1.23 -8.46 12.81
CA THR A 41 -0.35 -7.67 13.69
C THR A 41 1.07 -7.58 13.17
N GLU A 42 1.87 -8.67 13.22
CA GLU A 42 3.27 -8.55 12.83
C GLU A 42 3.37 -8.12 11.38
N ASP A 43 2.78 -8.90 10.46
CA ASP A 43 2.89 -8.55 9.04
C ASP A 43 2.23 -7.22 8.74
N ARG A 44 1.05 -6.93 9.34
CA ARG A 44 0.39 -5.64 9.18
C ARG A 44 1.36 -4.50 9.40
N GLN A 45 2.21 -4.55 10.46
CA GLN A 45 3.16 -3.45 10.71
C GLN A 45 4.12 -3.29 9.56
N ILE A 46 4.71 -4.40 9.09
CA ILE A 46 5.75 -4.31 8.06
C ILE A 46 5.12 -3.70 6.83
N ALA A 47 3.97 -4.25 6.39
CA ALA A 47 3.32 -3.70 5.20
C ALA A 47 3.02 -2.24 5.45
N CYS A 48 2.41 -1.86 6.59
CA CYS A 48 2.13 -0.45 6.82
C CYS A 48 3.37 0.39 6.54
N THR A 49 4.54 0.04 7.13
CA THR A 49 5.74 0.85 6.92
C THR A 49 6.14 0.85 5.47
N CYS A 50 6.04 -0.33 4.81
CA CYS A 50 6.46 -0.43 3.41
C CYS A 50 5.52 0.32 2.49
N LEU A 51 4.19 0.18 2.69
CA LEU A 51 3.19 0.92 1.91
C LEU A 51 3.46 2.40 2.09
N LYS A 52 3.60 2.83 3.35
CA LYS A 52 3.97 4.22 3.63
C LYS A 52 5.21 4.61 2.85
N SER A 53 6.30 3.82 2.94
CA SER A 53 7.53 4.15 2.20
C SER A 53 7.27 4.19 0.71
N ALA A 54 6.60 3.15 0.16
CA ALA A 54 6.30 3.12 -1.27
C ALA A 54 5.61 4.41 -1.67
N ALA A 55 4.52 4.77 -0.98
CA ALA A 55 3.81 5.99 -1.35
C ALA A 55 4.74 7.18 -1.23
N GLY A 56 5.42 7.36 -0.07
CA GLY A 56 6.36 8.48 0.04
C GLY A 56 7.46 8.42 -0.99
N ALA A 57 7.81 7.24 -1.55
CA ALA A 57 8.84 7.19 -2.60
C ALA A 57 8.40 7.96 -3.84
N ILE A 58 7.08 8.17 -4.06
CA ILE A 58 6.62 8.73 -5.33
C ILE A 58 6.82 10.23 -5.32
N SER A 59 7.44 10.83 -6.38
CA SER A 59 7.75 12.26 -6.34
C SER A 59 6.48 13.05 -6.52
N GLY A 60 5.70 12.77 -7.60
CA GLY A 60 4.42 13.45 -7.78
C GLY A 60 3.31 12.65 -7.13
N ILE A 61 3.52 12.16 -5.89
CA ILE A 61 2.47 11.38 -5.22
C ILE A 61 1.20 12.20 -5.17
N ASN A 62 0.04 11.65 -5.57
CA ASN A 62 -1.22 12.39 -5.42
C ASN A 62 -1.89 11.94 -4.13
N LEU A 63 -2.14 12.87 -3.17
CA LEU A 63 -2.65 12.48 -1.85
C LEU A 63 -3.99 11.79 -2.00
N GLY A 64 -4.96 12.42 -2.71
CA GLY A 64 -6.30 11.85 -2.82
C GLY A 64 -6.27 10.46 -3.42
N LYS A 65 -5.48 10.21 -4.49
CA LYS A 65 -5.43 8.87 -5.06
C LYS A 65 -4.78 7.92 -4.07
N ALA A 66 -3.70 8.32 -3.36
CA ALA A 66 -3.11 7.40 -2.38
C ALA A 66 -4.14 7.03 -1.33
N ALA A 67 -4.85 8.02 -0.78
CA ALA A 67 -5.88 7.70 0.21
C ALA A 67 -7.09 7.03 -0.43
N GLY A 68 -7.40 7.31 -1.71
CA GLY A 68 -8.50 6.62 -2.39
C GLY A 68 -8.11 5.24 -2.88
N LEU A 69 -6.80 4.93 -3.04
CA LEU A 69 -6.42 3.62 -3.55
C LEU A 69 -7.11 2.48 -2.84
N PRO A 70 -7.04 2.30 -1.49
CA PRO A 70 -7.71 1.14 -0.91
C PRO A 70 -9.20 1.32 -0.97
N SER A 71 -9.74 2.55 -0.87
CA SER A 71 -11.19 2.74 -1.00
C SER A 71 -11.65 2.23 -2.34
N THR A 72 -10.84 2.42 -3.41
CA THR A 72 -11.23 1.96 -4.74
C THR A 72 -11.52 0.47 -4.66
N CYS A 73 -10.61 -0.32 -4.04
CA CYS A 73 -10.83 -1.76 -3.87
C CYS A 73 -10.99 -2.05 -2.39
N GLY A 74 -12.15 -1.70 -1.80
CA GLY A 74 -12.35 -1.96 -0.37
C GLY A 74 -12.16 -3.41 -0.02
N VAL A 75 -11.12 -3.78 0.78
CA VAL A 75 -10.87 -5.16 1.21
C VAL A 75 -10.46 -5.06 2.68
N ASN A 76 -9.81 -6.05 3.34
CA ASN A 76 -9.42 -5.85 4.74
C ASN A 76 -8.27 -4.85 4.87
N ILE A 77 -8.49 -3.53 4.67
CA ILE A 77 -7.43 -2.52 4.83
C ILE A 77 -7.85 -1.51 5.89
N PRO A 78 -7.48 -1.61 7.20
CA PRO A 78 -7.87 -0.56 8.14
C PRO A 78 -6.88 0.60 8.09
N TYR A 79 -6.65 1.22 6.91
CA TYR A 79 -5.72 2.36 6.81
C TYR A 79 -5.93 3.05 5.46
N LYS A 80 -5.25 4.19 5.16
CA LYS A 80 -5.45 4.87 3.87
C LYS A 80 -4.09 5.16 3.25
N ILE A 81 -3.20 4.15 3.30
CA ILE A 81 -1.84 4.29 2.80
C ILE A 81 -1.32 5.68 3.09
N SER A 82 -1.41 6.14 4.37
CA SER A 82 -0.92 7.48 4.68
C SER A 82 0.59 7.49 4.51
N PRO A 83 1.28 8.37 3.76
CA PRO A 83 2.75 8.36 3.82
C PRO A 83 3.30 8.82 5.16
N SER A 84 2.48 9.09 6.21
CA SER A 84 3.01 9.46 7.53
C SER A 84 2.20 8.81 8.65
N THR A 85 1.67 7.58 8.46
CA THR A 85 0.93 6.93 9.55
C THR A 85 1.89 6.25 10.49
N ASP A 86 1.51 6.09 11.78
CA ASP A 86 2.34 5.34 12.73
C ASP A 86 1.81 3.92 12.76
N CYS A 87 2.68 2.89 12.63
CA CYS A 87 2.24 1.51 12.77
C CYS A 87 3.24 0.76 13.63
N SER A 88 3.59 1.35 14.79
CA SER A 88 4.49 0.67 15.73
C SER A 88 3.69 -0.12 16.76
N LYS A 89 2.57 0.42 17.32
CA LYS A 89 1.79 -0.31 18.32
C LYS A 89 0.53 -0.87 17.68
N VAL A 90 0.68 -1.60 16.54
CA VAL A 90 -0.50 -2.22 15.93
C VAL A 90 -0.83 -3.47 16.73
N GLN A 91 -2.12 -3.86 16.84
CA GLN A 91 -2.49 -5.05 17.58
C GLN A 91 -3.91 -5.44 17.28
N ALA A 1 8.63 -14.96 4.87
CA ALA A 1 8.80 -13.66 5.56
C ALA A 1 8.64 -12.51 4.57
N ILE A 2 7.62 -11.65 4.76
CA ILE A 2 7.42 -10.47 3.90
C ILE A 2 8.48 -9.40 4.12
N THR A 3 8.84 -8.59 3.10
CA THR A 3 9.86 -7.53 3.23
C THR A 3 9.52 -6.37 2.29
N CYS A 4 10.04 -5.15 2.56
CA CYS A 4 9.69 -4.02 1.71
C CYS A 4 9.85 -4.29 0.22
N GLY A 5 10.96 -4.93 -0.22
CA GLY A 5 11.10 -5.19 -1.65
C GLY A 5 9.90 -5.91 -2.20
N GLN A 6 9.39 -6.93 -1.47
CA GLN A 6 8.24 -7.69 -1.98
C GLN A 6 7.01 -6.81 -1.94
N VAL A 7 6.83 -6.06 -0.82
CA VAL A 7 5.62 -5.27 -0.66
C VAL A 7 5.53 -4.27 -1.78
N THR A 8 6.58 -3.45 -1.98
CA THR A 8 6.55 -2.45 -3.06
C THR A 8 6.34 -3.16 -4.38
N SER A 9 7.01 -4.31 -4.61
CA SER A 9 6.84 -5.02 -5.88
C SER A 9 5.39 -5.41 -6.10
N ASN A 10 4.69 -5.93 -5.06
CA ASN A 10 3.26 -6.21 -5.24
C ASN A 10 2.55 -4.98 -5.73
N LEU A 11 2.87 -3.80 -5.15
CA LEU A 11 2.21 -2.57 -5.57
C LEU A 11 2.87 -1.90 -6.77
N ALA A 12 3.65 -2.62 -7.61
CA ALA A 12 4.24 -1.97 -8.77
C ALA A 12 3.22 -1.22 -9.63
N PRO A 13 2.07 -1.78 -10.10
CA PRO A 13 1.18 -0.98 -10.93
C PRO A 13 0.39 0.01 -10.10
N CYS A 14 0.31 -0.13 -8.77
CA CYS A 14 -0.32 0.90 -7.95
C CYS A 14 0.54 2.16 -7.97
N LEU A 15 1.88 2.03 -8.00
CA LEU A 15 2.75 3.21 -7.99
C LEU A 15 2.23 4.19 -9.03
N ALA A 16 1.87 3.68 -10.23
CA ALA A 16 1.26 4.52 -11.27
C ALA A 16 0.02 5.25 -10.75
N TYR A 17 -0.89 4.53 -10.07
CA TYR A 17 -2.08 5.16 -9.50
C TYR A 17 -1.69 6.23 -8.49
N LEU A 18 -0.66 5.95 -7.66
CA LEU A 18 -0.21 6.94 -6.67
C LEU A 18 0.39 8.15 -7.33
N ARG A 19 1.09 7.93 -8.46
CA ARG A 19 1.62 9.06 -9.21
C ARG A 19 0.52 9.95 -9.75
N ASN A 20 -0.76 9.51 -9.76
CA ASN A 20 -1.85 10.33 -10.29
C ASN A 20 -1.71 10.50 -11.78
N THR A 21 -1.56 9.36 -12.50
CA THR A 21 -1.44 9.42 -13.96
C THR A 21 -1.60 8.07 -14.62
N GLY A 22 -0.93 6.99 -14.16
CA GLY A 22 -1.06 5.71 -14.85
C GLY A 22 -2.19 4.90 -14.25
N PRO A 23 -2.80 3.92 -14.95
CA PRO A 23 -3.95 3.21 -14.40
C PRO A 23 -3.58 2.24 -13.31
N LEU A 24 -4.61 1.62 -12.68
CA LEU A 24 -4.38 0.65 -11.60
C LEU A 24 -3.90 -0.67 -12.18
N GLY A 25 -4.39 -1.10 -13.36
CA GLY A 25 -3.91 -2.36 -13.91
C GLY A 25 -4.12 -3.50 -12.93
N ARG A 26 -3.05 -4.22 -12.51
CA ARG A 26 -3.21 -5.30 -11.52
C ARG A 26 -2.84 -4.85 -10.13
N CYS A 27 -3.17 -3.60 -9.75
CA CYS A 27 -2.95 -3.16 -8.37
C CYS A 27 -3.79 -3.99 -7.43
N CYS A 28 -5.11 -4.09 -7.66
CA CYS A 28 -5.92 -4.83 -6.70
C CYS A 28 -5.37 -6.23 -6.51
N GLY A 29 -4.95 -6.92 -7.60
CA GLY A 29 -4.39 -8.26 -7.43
C GLY A 29 -3.17 -8.25 -6.54
N GLY A 30 -2.20 -7.34 -6.75
CA GLY A 30 -1.02 -7.31 -5.88
C GLY A 30 -1.38 -6.98 -4.46
N VAL A 31 -2.26 -5.97 -4.25
CA VAL A 31 -2.64 -5.60 -2.88
C VAL A 31 -3.29 -6.81 -2.25
N LYS A 32 -4.30 -7.40 -2.93
CA LYS A 32 -5.03 -8.56 -2.40
C LYS A 32 -4.11 -9.55 -1.71
N ALA A 33 -2.98 -9.94 -2.34
CA ALA A 33 -2.13 -10.95 -1.72
C ALA A 33 -1.64 -10.46 -0.37
N LEU A 34 -1.25 -9.17 -0.28
CA LEU A 34 -0.81 -8.63 0.99
C LEU A 34 -1.99 -8.51 1.94
N VAL A 35 -3.23 -8.26 1.49
CA VAL A 35 -4.34 -8.16 2.45
C VAL A 35 -4.36 -9.42 3.29
N ASN A 36 -4.26 -10.61 2.65
CA ASN A 36 -4.31 -11.85 3.41
C ASN A 36 -3.13 -11.97 4.35
N SER A 37 -1.93 -11.54 3.92
CA SER A 37 -0.72 -11.69 4.75
C SER A 37 -0.65 -10.61 5.80
N ALA A 38 -0.99 -9.36 5.44
CA ALA A 38 -1.07 -8.24 6.38
C ALA A 38 -2.24 -8.35 7.33
N ARG A 39 -2.50 -9.53 7.95
CA ARG A 39 -3.51 -9.63 8.99
C ARG A 39 -2.98 -10.46 10.14
N THR A 40 -1.69 -10.21 10.50
CA THR A 40 -1.12 -10.83 11.70
C THR A 40 -0.40 -9.77 12.51
N THR A 41 -0.86 -8.50 12.46
CA THR A 41 -0.18 -7.41 13.16
C THR A 41 1.27 -7.24 12.76
N GLU A 42 2.17 -8.14 13.17
CA GLU A 42 3.58 -7.98 12.81
C GLU A 42 3.65 -7.80 11.31
N ASP A 43 3.01 -8.73 10.56
CA ASP A 43 3.09 -8.66 9.10
C ASP A 43 2.44 -7.41 8.55
N ARG A 44 1.24 -7.07 9.07
CA ARG A 44 0.59 -5.83 8.64
C ARG A 44 1.48 -4.62 8.75
N GLN A 45 2.26 -4.52 9.84
CA GLN A 45 3.08 -3.32 10.01
C GLN A 45 4.04 -3.18 8.85
N ILE A 46 4.63 -4.30 8.36
CA ILE A 46 5.57 -4.21 7.26
C ILE A 46 4.83 -3.66 6.05
N ALA A 47 3.66 -4.23 5.68
CA ALA A 47 2.97 -3.74 4.49
C ALA A 47 2.82 -2.23 4.51
N CYS A 48 2.08 -1.68 5.49
CA CYS A 48 1.90 -0.23 5.54
C CYS A 48 3.21 0.52 5.69
N THR A 49 4.17 0.06 6.53
CA THR A 49 5.38 0.86 6.73
C THR A 49 6.20 0.90 5.46
N CYS A 50 6.37 -0.25 4.79
CA CYS A 50 7.14 -0.26 3.54
C CYS A 50 6.49 0.63 2.52
N LEU A 51 5.15 0.55 2.38
CA LEU A 51 4.47 1.39 1.38
C LEU A 51 4.56 2.84 1.79
N LYS A 52 4.33 3.16 3.08
CA LYS A 52 4.49 4.52 3.56
C LYS A 52 5.80 5.08 3.03
N SER A 53 6.93 4.36 3.24
CA SER A 53 8.22 4.83 2.73
C SER A 53 8.25 4.84 1.23
N ALA A 54 7.74 3.79 0.53
CA ALA A 54 7.76 3.81 -0.93
C ALA A 54 7.03 5.03 -1.44
N ALA A 55 5.75 5.23 -1.02
CA ALA A 55 5.04 6.45 -1.40
C ALA A 55 5.86 7.67 -1.07
N GLY A 56 6.40 7.78 0.17
CA GLY A 56 7.21 8.95 0.50
C GLY A 56 8.34 9.16 -0.48
N ALA A 57 8.97 8.08 -1.01
CA ALA A 57 10.03 8.25 -2.00
C ALA A 57 9.53 8.79 -3.33
N ILE A 58 8.28 8.47 -3.76
CA ILE A 58 7.82 8.92 -5.08
C ILE A 58 7.66 10.44 -5.05
N SER A 59 8.18 11.19 -6.05
CA SER A 59 8.08 12.66 -6.01
C SER A 59 6.68 13.17 -6.25
N GLY A 60 6.00 12.75 -7.35
CA GLY A 60 4.63 13.22 -7.59
C GLY A 60 3.61 12.34 -6.91
N ILE A 61 3.88 11.92 -5.65
CA ILE A 61 2.92 11.08 -4.94
C ILE A 61 1.70 11.88 -4.61
N ASN A 62 0.48 11.32 -4.77
CA ASN A 62 -0.72 12.09 -4.46
C ASN A 62 -1.39 11.53 -3.22
N LEU A 63 -1.69 12.39 -2.22
CA LEU A 63 -2.19 11.90 -0.92
C LEU A 63 -3.53 11.24 -1.13
N GLY A 64 -4.47 11.91 -1.85
CA GLY A 64 -5.79 11.32 -2.06
C GLY A 64 -5.71 9.97 -2.76
N LYS A 65 -4.82 9.83 -3.76
CA LYS A 65 -4.73 8.56 -4.48
C LYS A 65 -4.21 7.49 -3.55
N ALA A 66 -3.22 7.81 -2.69
CA ALA A 66 -2.79 6.85 -1.69
C ALA A 66 -3.93 6.38 -0.82
N ALA A 67 -4.67 7.29 -0.16
CA ALA A 67 -5.85 6.85 0.60
C ALA A 67 -6.94 6.28 -0.30
N GLY A 68 -6.92 6.52 -1.64
CA GLY A 68 -7.91 5.88 -2.52
C GLY A 68 -7.71 4.39 -2.68
N LEU A 69 -6.49 3.84 -2.52
CA LEU A 69 -6.28 2.41 -2.71
C LEU A 69 -7.29 1.53 -1.97
N PRO A 70 -7.50 1.58 -0.64
CA PRO A 70 -8.53 0.73 -0.03
C PRO A 70 -9.91 0.97 -0.60
N SER A 71 -10.17 2.14 -1.21
CA SER A 71 -11.50 2.39 -1.76
C SER A 71 -11.61 1.79 -3.15
N THR A 72 -10.67 2.12 -4.06
CA THR A 72 -10.75 1.62 -5.43
C THR A 72 -10.52 0.13 -5.46
N CYS A 73 -9.47 -0.38 -4.77
CA CYS A 73 -9.32 -1.83 -4.60
C CYS A 73 -10.04 -2.21 -3.32
N GLY A 74 -11.38 -2.05 -3.27
CA GLY A 74 -12.14 -2.39 -2.07
C GLY A 74 -11.64 -3.61 -1.34
N VAL A 75 -10.88 -3.46 -0.22
CA VAL A 75 -10.44 -4.62 0.56
C VAL A 75 -10.51 -4.31 2.04
N ASN A 76 -10.60 -5.33 2.92
CA ASN A 76 -10.69 -5.08 4.36
C ASN A 76 -9.32 -4.81 4.94
N ILE A 77 -8.61 -3.74 4.51
CA ILE A 77 -7.29 -3.42 5.07
C ILE A 77 -7.51 -2.51 6.26
N PRO A 78 -7.14 -2.83 7.53
CA PRO A 78 -7.33 -1.87 8.60
C PRO A 78 -6.18 -0.86 8.63
N TYR A 79 -5.90 -0.18 7.50
CA TYR A 79 -4.86 0.84 7.46
C TYR A 79 -4.93 1.56 6.13
N LYS A 80 -4.89 2.91 6.06
CA LYS A 80 -4.87 3.56 4.75
C LYS A 80 -3.43 3.52 4.32
N ILE A 81 -3.16 3.16 3.05
CA ILE A 81 -1.78 3.12 2.59
C ILE A 81 -1.43 4.56 2.36
N SER A 82 -0.70 5.27 3.25
CA SER A 82 -0.34 6.66 2.98
C SER A 82 0.94 7.05 3.70
N PRO A 83 1.83 7.92 3.17
CA PRO A 83 3.05 8.23 3.89
C PRO A 83 2.78 9.00 5.16
N SER A 84 1.58 9.58 5.36
CA SER A 84 1.30 10.32 6.59
C SER A 84 1.11 9.38 7.76
N THR A 85 0.33 8.29 7.62
CA THR A 85 0.05 7.44 8.78
C THR A 85 1.26 6.63 9.19
N ASP A 86 1.35 6.17 10.46
CA ASP A 86 2.44 5.29 10.87
C ASP A 86 1.84 4.00 11.40
N CYS A 87 2.55 2.86 11.24
CA CYS A 87 2.07 1.59 11.78
C CYS A 87 2.90 1.17 12.97
N SER A 88 3.50 2.14 13.71
CA SER A 88 4.27 1.79 14.89
C SER A 88 3.32 1.26 15.95
N LYS A 89 2.17 1.96 16.18
CA LYS A 89 1.17 1.48 17.13
C LYS A 89 -0.08 1.17 16.33
N VAL A 90 0.02 0.21 15.39
CA VAL A 90 -1.12 -0.09 14.54
C VAL A 90 -2.30 -0.61 15.38
N GLN A 91 -3.56 -0.42 14.94
CA GLN A 91 -4.70 -0.93 15.71
C GLN A 91 -4.93 -2.36 15.30
N ALA A 1 8.44 -14.33 6.10
CA ALA A 1 8.41 -12.97 6.70
C ALA A 1 8.07 -11.96 5.63
N ILE A 2 7.39 -10.83 5.96
CA ILE A 2 7.09 -9.82 4.93
C ILE A 2 8.28 -8.92 4.77
N THR A 3 8.49 -8.34 3.55
CA THR A 3 9.56 -7.37 3.35
C THR A 3 9.08 -6.32 2.36
N CYS A 4 9.69 -5.11 2.35
CA CYS A 4 9.20 -4.07 1.45
C CYS A 4 9.27 -4.50 0.00
N GLY A 5 10.30 -5.28 -0.44
CA GLY A 5 10.32 -5.72 -1.84
C GLY A 5 9.05 -6.45 -2.22
N GLN A 6 8.54 -7.36 -1.35
CA GLN A 6 7.29 -8.07 -1.66
C GLN A 6 6.18 -7.07 -1.87
N VAL A 7 6.20 -5.98 -1.08
CA VAL A 7 5.17 -4.96 -1.19
C VAL A 7 5.37 -4.16 -2.45
N THR A 8 6.49 -3.43 -2.58
CA THR A 8 6.70 -2.55 -3.72
C THR A 8 6.37 -3.27 -5.02
N SER A 9 6.89 -4.50 -5.21
CA SER A 9 6.62 -5.22 -6.45
C SER A 9 5.13 -5.37 -6.72
N ASN A 10 4.31 -5.93 -5.81
CA ASN A 10 2.88 -6.04 -6.10
C ASN A 10 2.26 -4.66 -6.23
N LEU A 11 2.72 -3.65 -5.46
CA LEU A 11 2.18 -2.31 -5.60
C LEU A 11 2.69 -1.61 -6.85
N ALA A 12 3.56 -2.18 -7.71
CA ALA A 12 4.11 -1.41 -8.83
C ALA A 12 3.05 -0.72 -9.66
N PRO A 13 1.97 -1.36 -10.19
CA PRO A 13 1.01 -0.60 -10.97
C PRO A 13 0.28 0.40 -10.10
N CYS A 14 0.13 0.12 -8.78
CA CYS A 14 -0.52 1.07 -7.89
C CYS A 14 0.34 2.31 -7.82
N LEU A 15 1.64 2.17 -7.53
CA LEU A 15 2.53 3.33 -7.52
C LEU A 15 2.33 4.16 -8.77
N ALA A 16 2.19 3.53 -9.96
CA ALA A 16 1.96 4.30 -11.17
C ALA A 16 0.56 4.90 -11.17
N TYR A 17 -0.48 4.19 -10.65
CA TYR A 17 -1.80 4.79 -10.49
C TYR A 17 -1.73 6.02 -9.60
N LEU A 18 -0.88 6.01 -8.56
CA LEU A 18 -0.74 7.20 -7.72
C LEU A 18 -0.25 8.38 -8.51
N ARG A 19 0.64 8.16 -9.51
CA ARG A 19 1.03 9.26 -10.39
C ARG A 19 -0.06 9.69 -11.34
N ASN A 20 -1.31 9.13 -11.33
CA ASN A 20 -2.25 9.41 -12.41
C ASN A 20 -1.55 9.21 -13.74
N THR A 21 -0.72 8.15 -13.86
CA THR A 21 0.02 7.89 -15.11
C THR A 21 -0.23 6.47 -15.57
N GLY A 22 0.12 5.42 -14.78
CA GLY A 22 -0.12 4.04 -15.24
C GLY A 22 -1.42 3.52 -14.67
N PRO A 23 -2.22 2.66 -15.36
CA PRO A 23 -3.47 2.21 -14.76
C PRO A 23 -3.26 1.13 -13.73
N LEU A 24 -4.26 0.84 -12.86
CA LEU A 24 -4.08 -0.23 -11.87
C LEU A 24 -4.01 -1.58 -12.56
N GLY A 25 -4.85 -1.83 -13.58
CA GLY A 25 -4.84 -3.15 -14.22
C GLY A 25 -5.23 -4.20 -13.19
N ARG A 26 -4.27 -4.98 -12.64
CA ARG A 26 -4.60 -5.99 -11.63
C ARG A 26 -3.81 -5.72 -10.37
N CYS A 27 -3.54 -4.43 -10.05
CA CYS A 27 -2.83 -4.15 -8.81
C CYS A 27 -3.68 -4.62 -7.65
N CYS A 28 -4.99 -4.28 -7.65
CA CYS A 28 -5.84 -4.64 -6.51
C CYS A 28 -5.66 -6.10 -6.14
N GLY A 29 -5.60 -7.04 -7.11
CA GLY A 29 -5.35 -8.43 -6.75
C GLY A 29 -4.02 -8.56 -6.06
N GLY A 30 -2.94 -7.97 -6.61
CA GLY A 30 -1.64 -8.05 -5.94
C GLY A 30 -1.64 -7.39 -4.58
N VAL A 31 -2.37 -6.26 -4.40
CA VAL A 31 -2.46 -5.65 -3.07
C VAL A 31 -3.14 -6.68 -2.19
N LYS A 32 -4.34 -7.14 -2.61
CA LYS A 32 -5.10 -8.10 -1.82
C LYS A 32 -4.28 -9.33 -1.47
N ALA A 33 -3.48 -9.87 -2.43
CA ALA A 33 -2.65 -11.03 -2.11
C ALA A 33 -1.85 -10.76 -0.86
N LEU A 34 -1.24 -9.55 -0.76
CA LEU A 34 -0.47 -9.23 0.45
C LEU A 34 -1.39 -9.03 1.64
N VAL A 35 -2.57 -8.40 1.49
CA VAL A 35 -3.41 -8.12 2.66
C VAL A 35 -3.63 -9.41 3.43
N ASN A 36 -3.90 -10.53 2.73
CA ASN A 36 -4.06 -11.80 3.44
C ASN A 36 -2.90 -12.06 4.39
N SER A 37 -1.64 -11.91 3.93
CA SER A 37 -0.49 -12.18 4.80
C SER A 37 -0.22 -10.99 5.69
N ALA A 38 -0.16 -9.75 5.14
CA ALA A 38 -0.16 -8.54 5.96
C ALA A 38 -1.41 -8.30 6.81
N ARG A 39 -1.94 -9.32 7.54
CA ARG A 39 -2.95 -9.07 8.56
C ARG A 39 -2.70 -9.89 9.83
N THR A 40 -1.47 -10.40 10.08
CA THR A 40 -1.20 -11.30 11.20
C THR A 40 -0.43 -10.56 12.28
N THR A 41 -0.92 -9.38 12.72
CA THR A 41 -0.23 -8.63 13.78
C THR A 41 1.09 -8.03 13.33
N GLU A 42 2.11 -8.86 13.05
CA GLU A 42 3.43 -8.37 12.65
C GLU A 42 3.39 -7.99 11.19
N ASP A 43 3.06 -8.96 10.32
CA ASP A 43 3.08 -8.75 8.87
C ASP A 43 2.40 -7.43 8.51
N ARG A 44 1.20 -7.19 9.07
CA ARG A 44 0.52 -5.89 8.95
C ARG A 44 1.41 -4.68 9.16
N GLN A 45 2.17 -4.65 10.28
CA GLN A 45 2.98 -3.47 10.59
C GLN A 45 4.08 -3.33 9.58
N ILE A 46 4.65 -4.47 9.10
CA ILE A 46 5.69 -4.39 8.06
C ILE A 46 5.06 -3.74 6.84
N ALA A 47 3.90 -4.23 6.34
CA ALA A 47 3.29 -3.62 5.17
C ALA A 47 3.07 -2.15 5.41
N CYS A 48 2.40 -1.74 6.51
CA CYS A 48 2.23 -0.31 6.77
C CYS A 48 3.55 0.41 6.67
N THR A 49 4.60 -0.09 7.36
CA THR A 49 5.86 0.66 7.41
C THR A 49 6.37 0.80 5.99
N CYS A 50 6.42 -0.32 5.24
CA CYS A 50 6.89 -0.26 3.86
C CYS A 50 6.03 0.64 3.01
N LEU A 51 4.68 0.50 3.07
CA LEU A 51 3.81 1.30 2.21
C LEU A 51 3.96 2.77 2.55
N LYS A 52 3.94 3.10 3.85
CA LYS A 52 4.17 4.49 4.25
C LYS A 52 5.36 5.06 3.52
N SER A 53 6.53 4.35 3.54
CA SER A 53 7.71 4.86 2.82
C SER A 53 7.53 4.77 1.31
N ALA A 54 6.89 3.71 0.76
CA ALA A 54 6.78 3.61 -0.70
C ALA A 54 5.94 4.76 -1.23
N ALA A 55 4.77 5.05 -0.62
CA ALA A 55 3.97 6.21 -1.05
C ALA A 55 4.76 7.46 -0.72
N GLY A 56 5.29 7.62 0.51
CA GLY A 56 6.11 8.79 0.81
C GLY A 56 7.42 8.77 0.04
N ALA A 57 7.38 9.05 -1.28
CA ALA A 57 8.58 8.98 -2.12
C ALA A 57 8.25 9.44 -3.53
N ILE A 58 7.19 8.83 -4.13
CA ILE A 58 6.70 9.25 -5.45
C ILE A 58 6.65 10.76 -5.54
N SER A 59 7.13 11.40 -6.64
CA SER A 59 7.08 12.86 -6.73
C SER A 59 5.69 13.34 -7.12
N GLY A 60 5.09 12.84 -8.22
CA GLY A 60 3.74 13.29 -8.60
C GLY A 60 2.65 12.55 -7.86
N ILE A 61 2.78 12.35 -6.52
CA ILE A 61 1.77 11.61 -5.76
C ILE A 61 0.55 12.48 -5.49
N ASN A 62 -0.70 11.96 -5.64
CA ASN A 62 -1.87 12.72 -5.20
C ASN A 62 -2.34 12.11 -3.90
N LEU A 63 -2.39 12.86 -2.78
CA LEU A 63 -2.82 12.25 -1.52
C LEU A 63 -4.21 11.66 -1.68
N GLY A 64 -5.17 12.38 -2.31
CA GLY A 64 -6.51 11.81 -2.46
C GLY A 64 -6.46 10.44 -3.11
N LYS A 65 -5.60 10.25 -4.15
CA LYS A 65 -5.53 8.95 -4.79
C LYS A 65 -4.84 7.97 -3.87
N ALA A 66 -3.76 8.38 -3.16
CA ALA A 66 -3.15 7.47 -2.19
C ALA A 66 -4.19 7.05 -1.15
N ALA A 67 -4.95 7.98 -0.56
CA ALA A 67 -5.96 7.58 0.41
C ALA A 67 -7.14 6.89 -0.27
N GLY A 68 -7.37 7.12 -1.58
CA GLY A 68 -8.39 6.38 -2.32
C GLY A 68 -7.91 5.04 -2.84
N LEU A 69 -6.59 4.75 -2.90
CA LEU A 69 -6.13 3.49 -3.48
C LEU A 69 -6.72 2.30 -2.74
N PRO A 70 -6.74 2.21 -1.39
CA PRO A 70 -7.43 1.10 -0.73
C PRO A 70 -8.89 1.09 -1.06
N SER A 71 -9.55 2.26 -1.06
CA SER A 71 -10.98 2.29 -1.35
C SER A 71 -11.22 1.72 -2.73
N THR A 72 -10.37 2.09 -3.71
CA THR A 72 -10.52 1.58 -5.07
C THR A 72 -10.28 0.09 -5.00
N CYS A 73 -9.15 -0.33 -4.37
CA CYS A 73 -8.91 -1.76 -4.15
C CYS A 73 -9.51 -2.13 -2.82
N GLY A 74 -10.86 -2.08 -2.68
CA GLY A 74 -11.49 -2.37 -1.39
C GLY A 74 -10.85 -3.54 -0.67
N VAL A 75 -10.11 -3.30 0.45
CA VAL A 75 -9.51 -4.41 1.19
C VAL A 75 -9.50 -4.13 2.68
N ASN A 76 -9.43 -5.19 3.53
CA ASN A 76 -9.49 -4.99 4.98
C ASN A 76 -8.15 -4.60 5.56
N ILE A 77 -7.62 -3.41 5.18
CA ILE A 77 -6.34 -2.95 5.72
C ILE A 77 -6.56 -1.90 6.80
N PRO A 78 -5.91 -1.91 8.00
CA PRO A 78 -6.13 -0.84 8.96
C PRO A 78 -5.20 0.35 8.73
N TYR A 79 -5.20 0.92 7.50
CA TYR A 79 -4.36 2.09 7.20
C TYR A 79 -4.68 2.56 5.79
N LYS A 80 -4.62 3.87 5.46
CA LYS A 80 -5.01 4.30 4.10
C LYS A 80 -3.80 4.55 3.20
N ILE A 81 -2.67 3.85 3.41
CA ILE A 81 -1.47 4.09 2.60
C ILE A 81 -1.14 5.57 2.52
N SER A 82 -1.29 6.30 3.64
CA SER A 82 -0.94 7.72 3.66
C SER A 82 0.48 7.88 4.18
N PRO A 83 1.44 8.62 3.56
CA PRO A 83 2.75 8.79 4.18
C PRO A 83 2.70 9.24 5.63
N SER A 84 1.68 10.04 6.01
CA SER A 84 1.61 10.56 7.38
C SER A 84 0.97 9.63 8.37
N THR A 85 0.33 8.50 7.98
CA THR A 85 -0.35 7.63 8.95
C THR A 85 0.67 6.74 9.63
N ASP A 86 0.87 6.82 10.96
CA ASP A 86 1.75 5.85 11.63
C ASP A 86 1.05 4.52 11.74
N CYS A 87 1.68 3.40 11.34
CA CYS A 87 1.09 2.09 11.58
C CYS A 87 2.19 1.08 11.88
N SER A 88 3.25 1.49 12.63
CA SER A 88 4.31 0.57 13.04
C SER A 88 4.20 0.14 14.49
N LYS A 89 3.19 0.59 15.28
CA LYS A 89 3.06 0.19 16.68
C LYS A 89 1.65 -0.31 16.91
N VAL A 90 1.06 -1.03 15.93
CA VAL A 90 -0.37 -1.37 16.01
C VAL A 90 -0.53 -2.69 16.73
N GLN A 91 -1.41 -2.73 17.76
CA GLN A 91 -1.67 -3.96 18.52
C GLN A 91 -2.69 -4.83 17.85
N ALA A 1 12.20 -13.64 5.01
CA ALA A 1 11.65 -12.62 5.92
C ALA A 1 10.77 -11.64 5.17
N ILE A 2 9.80 -10.99 5.87
CA ILE A 2 8.90 -10.03 5.22
C ILE A 2 9.68 -8.81 4.79
N THR A 3 9.55 -8.33 3.52
CA THR A 3 10.31 -7.17 3.06
C THR A 3 9.44 -6.21 2.27
N CYS A 4 9.85 -4.92 2.19
CA CYS A 4 9.07 -3.93 1.42
C CYS A 4 9.04 -4.25 -0.05
N GLY A 5 10.07 -4.92 -0.61
CA GLY A 5 10.04 -5.28 -2.03
C GLY A 5 8.80 -6.04 -2.43
N GLN A 6 8.35 -7.01 -1.60
CA GLN A 6 7.16 -7.80 -1.94
C GLN A 6 5.94 -6.89 -2.01
N VAL A 7 5.81 -6.02 -0.99
CA VAL A 7 4.64 -5.13 -0.88
C VAL A 7 4.70 -4.17 -2.05
N THR A 8 5.91 -3.63 -2.34
CA THR A 8 6.09 -2.69 -3.45
C THR A 8 5.73 -3.40 -4.74
N SER A 9 6.25 -4.63 -4.93
CA SER A 9 5.96 -5.37 -6.16
C SER A 9 4.46 -5.52 -6.34
N ASN A 10 3.76 -5.93 -5.27
CA ASN A 10 2.31 -6.06 -5.36
C ASN A 10 1.68 -4.75 -5.81
N LEU A 11 2.14 -3.60 -5.27
CA LEU A 11 1.54 -2.32 -5.65
C LEU A 11 2.31 -1.60 -6.73
N ALA A 12 3.08 -2.29 -7.59
CA ALA A 12 3.91 -1.58 -8.56
C ALA A 12 3.09 -0.65 -9.43
N PRO A 13 1.98 -1.05 -10.12
CA PRO A 13 1.25 -0.09 -10.94
C PRO A 13 0.59 0.97 -10.08
N CYS A 14 0.18 0.62 -8.83
CA CYS A 14 -0.42 1.63 -7.97
C CYS A 14 0.57 2.74 -7.71
N LEU A 15 1.88 2.44 -7.51
CA LEU A 15 2.84 3.51 -7.26
C LEU A 15 2.79 4.50 -8.40
N ALA A 16 2.76 3.98 -9.63
CA ALA A 16 2.63 4.87 -10.79
C ALA A 16 1.30 5.58 -10.74
N TYR A 17 0.17 4.89 -10.48
CA TYR A 17 -1.11 5.60 -10.34
C TYR A 17 -1.02 6.74 -9.37
N LEU A 18 -0.34 6.55 -8.21
CA LEU A 18 -0.20 7.66 -7.27
C LEU A 18 0.31 8.91 -7.95
N ARG A 19 1.27 8.77 -8.91
CA ARG A 19 1.83 9.93 -9.60
C ARG A 19 1.01 10.29 -10.83
N ASN A 20 -0.31 10.01 -10.90
CA ASN A 20 -1.09 10.37 -12.09
C ASN A 20 -0.36 10.00 -13.38
N THR A 21 0.15 8.75 -13.49
CA THR A 21 0.82 8.31 -14.73
C THR A 21 0.44 6.90 -15.14
N GLY A 22 0.57 5.86 -14.27
CA GLY A 22 0.28 4.49 -14.70
C GLY A 22 -1.10 4.08 -14.24
N PRO A 23 -1.94 3.27 -14.92
CA PRO A 23 -3.22 2.92 -14.33
C PRO A 23 -3.06 1.95 -13.16
N LEU A 24 -4.19 1.46 -12.62
CA LEU A 24 -4.15 0.45 -11.56
C LEU A 24 -3.85 -0.90 -12.18
N GLY A 25 -4.50 -1.25 -13.32
CA GLY A 25 -4.22 -2.53 -13.96
C GLY A 25 -4.43 -3.68 -13.00
N ARG A 26 -3.44 -4.59 -12.86
CA ARG A 26 -3.59 -5.72 -11.91
C ARG A 26 -3.08 -5.36 -10.53
N CYS A 27 -2.83 -4.07 -10.20
CA CYS A 27 -2.45 -3.74 -8.82
C CYS A 27 -3.46 -4.30 -7.87
N CYS A 28 -4.77 -4.19 -8.16
CA CYS A 28 -5.79 -4.64 -7.21
C CYS A 28 -5.56 -6.07 -6.74
N GLY A 29 -5.16 -7.01 -7.62
CA GLY A 29 -4.85 -8.35 -7.15
C GLY A 29 -3.73 -8.31 -6.14
N GLY A 30 -2.70 -7.47 -6.37
CA GLY A 30 -1.63 -7.33 -5.38
C GLY A 30 -2.14 -6.69 -4.10
N VAL A 31 -3.07 -5.72 -4.17
CA VAL A 31 -3.62 -5.13 -2.95
C VAL A 31 -4.31 -6.25 -2.20
N LYS A 32 -5.09 -7.11 -2.89
CA LYS A 32 -5.69 -8.27 -2.22
C LYS A 32 -4.62 -9.08 -1.52
N ALA A 33 -3.46 -9.37 -2.17
CA ALA A 33 -2.43 -10.12 -1.46
C ALA A 33 -2.10 -9.45 -0.14
N LEU A 34 -1.98 -8.10 -0.13
CA LEU A 34 -1.72 -7.44 1.15
C LEU A 34 -2.76 -7.75 2.19
N VAL A 35 -4.04 -7.92 1.84
CA VAL A 35 -5.03 -8.21 2.89
C VAL A 35 -4.58 -9.39 3.68
N ASN A 36 -4.26 -10.51 2.99
CA ASN A 36 -3.87 -11.72 3.71
C ASN A 36 -2.53 -11.49 4.36
N SER A 37 -1.58 -10.81 3.68
CA SER A 37 -0.27 -10.59 4.29
C SER A 37 -0.48 -9.70 5.50
N ALA A 38 -0.88 -8.43 5.28
CA ALA A 38 -1.04 -7.49 6.39
C ALA A 38 -1.78 -8.13 7.54
N ARG A 39 -2.93 -8.81 7.29
CA ARG A 39 -3.67 -9.38 8.41
C ARG A 39 -2.82 -10.21 9.37
N THR A 40 -1.56 -10.59 9.05
CA THR A 40 -0.71 -11.34 9.97
C THR A 40 0.07 -10.40 10.89
N THR A 41 -0.50 -9.27 11.38
CA THR A 41 0.19 -8.44 12.37
C THR A 41 1.53 -7.89 11.92
N GLU A 42 2.62 -8.68 11.99
CA GLU A 42 3.94 -8.13 11.70
C GLU A 42 3.97 -7.72 10.25
N ASP A 43 3.52 -8.62 9.36
CA ASP A 43 3.42 -8.27 7.94
C ASP A 43 2.77 -6.92 7.74
N ARG A 44 1.74 -6.56 8.54
CA ARG A 44 1.12 -5.23 8.41
C ARG A 44 2.03 -4.13 8.87
N GLN A 45 2.75 -4.35 9.98
CA GLN A 45 3.71 -3.33 10.42
C GLN A 45 4.66 -3.06 9.28
N ILE A 46 5.13 -4.15 8.62
CA ILE A 46 5.97 -4.00 7.43
C ILE A 46 5.18 -3.30 6.33
N ALA A 47 3.95 -3.75 5.99
CA ALA A 47 3.23 -3.13 4.88
C ALA A 47 3.10 -1.64 5.10
N CYS A 48 2.63 -1.19 6.28
CA CYS A 48 2.48 0.25 6.50
C CYS A 48 3.82 0.93 6.30
N THR A 49 4.90 0.40 6.92
CA THR A 49 6.19 1.08 6.88
C THR A 49 6.59 1.18 5.42
N CYS A 50 6.47 0.03 4.71
CA CYS A 50 6.84 -0.01 3.30
C CYS A 50 6.04 0.96 2.47
N LEU A 51 4.71 1.00 2.68
CA LEU A 51 3.85 1.86 1.85
C LEU A 51 4.11 3.31 2.20
N LYS A 52 4.15 3.61 3.51
CA LYS A 52 4.46 4.97 3.95
C LYS A 52 5.77 5.43 3.34
N SER A 53 6.80 4.55 3.33
CA SER A 53 8.08 4.93 2.72
C SER A 53 7.91 5.10 1.23
N ALA A 54 7.26 4.12 0.55
CA ALA A 54 7.06 4.24 -0.89
C ALA A 54 6.41 5.57 -1.21
N ALA A 55 5.17 5.77 -0.71
CA ALA A 55 4.45 7.01 -1.02
C ALA A 55 5.27 8.20 -0.60
N GLY A 56 5.92 8.16 0.59
CA GLY A 56 6.80 9.26 0.99
C GLY A 56 7.90 9.52 -0.01
N ALA A 57 8.46 8.48 -0.67
CA ALA A 57 9.49 8.72 -1.69
C ALA A 57 8.92 9.39 -2.92
N ILE A 58 7.66 9.12 -3.29
CA ILE A 58 7.10 9.67 -4.53
C ILE A 58 6.91 11.16 -4.34
N SER A 59 7.47 12.05 -5.21
CA SER A 59 7.28 13.49 -5.02
C SER A 59 5.89 13.92 -5.44
N GLY A 60 5.43 13.56 -6.66
CA GLY A 60 4.08 13.95 -7.09
C GLY A 60 3.04 13.02 -6.52
N ILE A 61 3.06 12.75 -5.19
CA ILE A 61 2.17 11.76 -4.60
C ILE A 61 0.85 12.41 -4.29
N ASN A 62 -0.32 11.77 -4.59
CA ASN A 62 -1.61 12.37 -4.25
C ASN A 62 -2.19 11.65 -3.05
N LEU A 63 -2.42 12.35 -1.92
CA LEU A 63 -3.01 11.71 -0.75
C LEU A 63 -4.33 11.08 -1.12
N GLY A 64 -5.20 11.80 -1.88
CA GLY A 64 -6.48 11.22 -2.26
C GLY A 64 -6.32 9.89 -2.97
N LYS A 65 -5.29 9.72 -3.82
CA LYS A 65 -5.08 8.44 -4.50
C LYS A 65 -4.58 7.41 -3.51
N ALA A 66 -3.57 7.72 -2.67
CA ALA A 66 -3.19 6.78 -1.62
C ALA A 66 -4.40 6.30 -0.85
N ALA A 67 -5.22 7.23 -0.31
CA ALA A 67 -6.45 6.83 0.36
C ALA A 67 -7.51 6.30 -0.60
N GLY A 68 -7.44 6.59 -1.92
CA GLY A 68 -8.36 5.97 -2.88
C GLY A 68 -8.02 4.53 -3.19
N LEU A 69 -6.75 4.07 -3.06
CA LEU A 69 -6.41 2.68 -3.39
C LEU A 69 -7.32 1.67 -2.70
N PRO A 70 -7.58 1.64 -1.36
CA PRO A 70 -8.53 0.67 -0.82
C PRO A 70 -9.91 0.84 -1.43
N SER A 71 -10.27 2.02 -1.97
CA SER A 71 -11.60 2.19 -2.56
C SER A 71 -11.58 1.64 -3.98
N THR A 72 -10.64 2.12 -4.83
CA THR A 72 -10.59 1.65 -6.22
C THR A 72 -10.34 0.17 -6.25
N CYS A 73 -9.34 -0.30 -5.46
CA CYS A 73 -9.13 -1.74 -5.30
C CYS A 73 -9.89 -2.13 -4.05
N GLY A 74 -11.24 -2.20 -4.14
CA GLY A 74 -12.04 -2.65 -3.00
C GLY A 74 -11.53 -3.94 -2.41
N VAL A 75 -11.03 -3.94 -1.16
CA VAL A 75 -10.54 -5.18 -0.52
C VAL A 75 -10.89 -5.07 0.98
N ASN A 76 -10.17 -5.70 1.92
CA ASN A 76 -10.42 -5.56 3.36
C ASN A 76 -9.13 -5.26 4.10
N ILE A 77 -8.35 -4.23 3.67
CA ILE A 77 -7.06 -3.92 4.30
C ILE A 77 -7.33 -3.12 5.56
N PRO A 78 -6.85 -3.38 6.81
CA PRO A 78 -7.18 -2.48 7.92
C PRO A 78 -6.51 -1.11 7.90
N TYR A 79 -6.32 -0.44 6.73
CA TYR A 79 -5.62 0.84 6.69
C TYR A 79 -5.91 1.52 5.38
N LYS A 80 -5.63 2.85 5.30
CA LYS A 80 -5.92 3.60 4.07
C LYS A 80 -4.66 3.98 3.32
N ILE A 81 -3.51 3.32 3.60
CA ILE A 81 -2.29 3.46 2.81
C ILE A 81 -1.87 4.89 2.87
N SER A 82 -2.08 5.59 4.01
CA SER A 82 -1.76 7.02 4.06
C SER A 82 -0.32 7.19 4.49
N PRO A 83 0.53 8.06 3.88
CA PRO A 83 1.90 8.19 4.35
C PRO A 83 1.97 8.92 5.68
N SER A 84 1.48 8.23 6.75
CA SER A 84 1.38 8.86 8.06
C SER A 84 1.04 7.79 9.07
N THR A 85 -0.02 6.99 8.81
CA THR A 85 -0.33 5.82 9.64
C THR A 85 0.94 5.19 10.20
N ASP A 86 1.17 5.26 11.53
CA ASP A 86 2.32 4.59 12.10
C ASP A 86 1.89 3.19 12.49
N CYS A 87 2.65 2.13 12.14
CA CYS A 87 2.28 0.78 12.59
C CYS A 87 3.43 0.20 13.37
N SER A 88 3.77 0.83 14.52
CA SER A 88 4.77 0.26 15.41
C SER A 88 4.12 -0.76 16.33
N LYS A 89 2.91 -0.48 16.87
CA LYS A 89 2.23 -1.42 17.77
C LYS A 89 0.88 -1.76 17.16
N VAL A 90 0.86 -2.43 15.98
CA VAL A 90 -0.40 -2.79 15.33
C VAL A 90 -0.58 -4.29 15.33
N GLN A 91 -1.82 -4.80 15.54
CA GLN A 91 -2.07 -6.25 15.52
C GLN A 91 -3.02 -6.58 14.39
N ALA A 1 6.59 -14.20 6.33
CA ALA A 1 7.63 -13.84 5.32
C ALA A 1 7.42 -12.43 4.79
N ILE A 2 7.33 -11.44 5.70
CA ILE A 2 7.01 -10.07 5.30
C ILE A 2 8.24 -9.37 4.80
N THR A 3 8.13 -8.52 3.75
CA THR A 3 9.33 -7.85 3.22
C THR A 3 8.91 -6.70 2.32
N CYS A 4 9.52 -5.48 2.40
CA CYS A 4 9.11 -4.42 1.49
C CYS A 4 9.30 -4.87 0.05
N GLY A 5 10.33 -5.70 -0.24
CA GLY A 5 10.43 -6.33 -1.55
C GLY A 5 9.09 -6.84 -2.08
N GLN A 6 8.30 -7.57 -1.26
CA GLN A 6 7.01 -8.06 -1.72
C GLN A 6 6.13 -6.87 -2.07
N VAL A 7 6.19 -5.80 -1.23
CA VAL A 7 5.23 -4.71 -1.30
C VAL A 7 5.52 -3.90 -2.56
N THR A 8 6.77 -3.41 -2.72
CA THR A 8 7.09 -2.63 -3.91
C THR A 8 6.75 -3.40 -5.18
N SER A 9 7.00 -4.73 -5.23
CA SER A 9 6.67 -5.49 -6.45
C SER A 9 5.18 -5.58 -6.61
N ASN A 10 4.40 -5.96 -5.57
CA ASN A 10 2.94 -5.97 -5.72
C ASN A 10 2.43 -4.60 -6.12
N LEU A 11 3.01 -3.49 -5.61
CA LEU A 11 2.54 -2.16 -6.04
C LEU A 11 2.93 -1.81 -7.48
N ALA A 12 3.61 -2.66 -8.27
CA ALA A 12 3.97 -2.27 -9.65
C ALA A 12 2.87 -1.54 -10.38
N PRO A 13 1.60 -2.02 -10.51
CA PRO A 13 0.60 -1.23 -11.21
C PRO A 13 0.07 -0.10 -10.35
N CYS A 14 0.17 -0.20 -9.00
CA CYS A 14 -0.39 0.85 -8.14
C CYS A 14 0.47 2.07 -8.29
N LEU A 15 1.80 1.96 -8.03
CA LEU A 15 2.66 3.13 -8.15
C LEU A 15 2.38 3.89 -9.43
N ALA A 16 2.10 3.20 -10.56
CA ALA A 16 1.81 3.91 -11.80
C ALA A 16 0.50 4.67 -11.64
N TYR A 17 -0.54 4.03 -11.07
CA TYR A 17 -1.80 4.70 -10.78
C TYR A 17 -1.59 5.88 -9.84
N LEU A 18 -0.82 5.70 -8.76
CA LEU A 18 -0.61 6.79 -7.80
C LEU A 18 0.03 8.00 -8.45
N ARG A 19 0.86 7.79 -9.50
CA ARG A 19 1.44 8.91 -10.25
C ARG A 19 0.45 9.65 -11.13
N ASN A 20 -0.86 9.33 -11.15
CA ASN A 20 -1.76 9.96 -12.13
C ASN A 20 -1.25 9.69 -13.55
N THR A 21 -0.65 8.50 -13.80
CA THR A 21 -0.10 8.21 -15.13
C THR A 21 -0.64 6.90 -15.65
N GLY A 22 -0.35 5.74 -15.01
CA GLY A 22 -0.84 4.47 -15.54
C GLY A 22 -2.19 4.12 -14.95
N PRO A 23 -2.94 3.12 -15.48
CA PRO A 23 -4.22 2.77 -14.87
C PRO A 23 -4.10 1.73 -13.76
N LEU A 24 -5.24 1.32 -13.17
CA LEU A 24 -5.25 0.28 -12.14
C LEU A 24 -4.49 -0.97 -12.58
N GLY A 25 -4.79 -1.53 -13.77
CA GLY A 25 -4.09 -2.75 -14.17
C GLY A 25 -4.29 -3.85 -13.13
N ARG A 26 -3.22 -4.54 -12.65
CA ARG A 26 -3.38 -5.56 -11.61
C ARG A 26 -3.12 -4.96 -10.23
N CYS A 27 -3.32 -3.64 -10.04
CA CYS A 27 -3.05 -3.07 -8.72
C CYS A 27 -3.90 -3.78 -7.71
N CYS A 28 -5.22 -3.94 -7.96
CA CYS A 28 -6.08 -4.54 -6.93
C CYS A 28 -5.61 -5.92 -6.58
N GLY A 29 -5.17 -6.73 -7.58
CA GLY A 29 -4.63 -8.05 -7.25
C GLY A 29 -3.40 -7.91 -6.39
N GLY A 30 -2.47 -7.00 -6.75
CA GLY A 30 -1.29 -6.82 -5.91
C GLY A 30 -1.70 -6.45 -4.50
N VAL A 31 -2.59 -5.43 -4.35
CA VAL A 31 -3.01 -5.02 -3.01
C VAL A 31 -3.58 -6.26 -2.33
N LYS A 32 -4.53 -6.98 -2.97
CA LYS A 32 -5.10 -8.17 -2.34
C LYS A 32 -4.01 -9.09 -1.83
N ALA A 33 -2.96 -9.36 -2.64
CA ALA A 33 -1.87 -10.22 -2.17
C ALA A 33 -1.30 -9.71 -0.86
N LEU A 34 -1.19 -8.37 -0.71
CA LEU A 34 -0.61 -7.79 0.50
C LEU A 34 -1.55 -7.96 1.67
N VAL A 35 -2.87 -7.82 1.43
CA VAL A 35 -3.85 -7.98 2.50
C VAL A 35 -3.54 -9.28 3.21
N ASN A 36 -3.35 -10.38 2.44
CA ASN A 36 -3.07 -11.67 3.05
C ASN A 36 -1.82 -11.59 3.91
N SER A 37 -0.76 -10.89 3.46
CA SER A 37 0.41 -10.66 4.31
C SER A 37 0.32 -9.28 4.93
N ALA A 38 -0.90 -8.83 5.33
CA ALA A 38 -1.00 -7.56 6.02
C ALA A 38 -2.17 -7.59 6.97
N ARG A 39 -2.29 -8.65 7.81
CA ARG A 39 -3.38 -8.74 8.78
C ARG A 39 -2.92 -9.33 10.11
N THR A 40 -2.16 -10.46 10.12
CA THR A 40 -1.57 -10.98 11.36
C THR A 40 -0.62 -9.98 12.00
N THR A 41 -1.15 -8.89 12.60
CA THR A 41 -0.35 -7.98 13.44
C THR A 41 1.00 -7.56 12.87
N GLU A 42 2.08 -8.36 13.00
CA GLU A 42 3.38 -7.88 12.52
C GLU A 42 3.27 -7.75 11.02
N ASP A 43 2.70 -8.78 10.35
CA ASP A 43 2.56 -8.71 8.89
C ASP A 43 1.89 -7.39 8.51
N ARG A 44 0.74 -7.10 9.14
CA ARG A 44 0.04 -5.82 8.96
C ARG A 44 0.96 -4.63 9.12
N GLN A 45 1.71 -4.57 10.24
CA GLN A 45 2.51 -3.38 10.50
C GLN A 45 3.61 -3.22 9.47
N ILE A 46 4.30 -4.32 9.11
CA ILE A 46 5.41 -4.21 8.16
C ILE A 46 4.86 -3.77 6.83
N ALA A 47 3.78 -4.41 6.31
CA ALA A 47 3.24 -3.97 5.02
C ALA A 47 2.89 -2.50 5.11
N CYS A 48 2.10 -2.09 6.14
CA CYS A 48 1.80 -0.68 6.34
C CYS A 48 3.06 0.16 6.37
N THR A 49 4.15 -0.29 7.03
CA THR A 49 5.39 0.49 7.07
C THR A 49 5.98 0.61 5.67
N CYS A 50 6.03 -0.52 4.93
CA CYS A 50 6.58 -0.46 3.57
C CYS A 50 5.70 0.37 2.66
N LEU A 51 4.35 0.27 2.78
CA LEU A 51 3.46 1.08 1.95
C LEU A 51 3.75 2.54 2.26
N LYS A 52 3.85 2.89 3.56
CA LYS A 52 4.23 4.25 3.95
C LYS A 52 5.51 4.63 3.24
N SER A 53 6.51 3.72 3.20
CA SER A 53 7.78 4.03 2.57
C SER A 53 7.60 4.20 1.07
N ALA A 54 6.83 3.29 0.41
CA ALA A 54 6.60 3.43 -1.03
C ALA A 54 6.04 4.80 -1.30
N ALA A 55 4.99 5.22 -0.57
CA ALA A 55 4.38 6.51 -0.85
C ALA A 55 5.46 7.58 -0.75
N GLY A 56 6.27 7.56 0.33
CA GLY A 56 7.35 8.55 0.45
C GLY A 56 8.33 8.49 -0.70
N ALA A 57 8.65 7.29 -1.24
CA ALA A 57 9.60 7.20 -2.35
C ALA A 57 9.06 7.82 -3.63
N ILE A 58 7.76 7.62 -3.92
CA ILE A 58 7.23 8.04 -5.23
C ILE A 58 7.14 9.55 -5.29
N SER A 59 7.63 10.22 -6.36
CA SER A 59 7.63 11.69 -6.39
C SER A 59 6.25 12.27 -6.61
N GLY A 60 5.51 11.87 -7.68
CA GLY A 60 4.19 12.46 -7.94
C GLY A 60 3.09 11.69 -7.25
N ILE A 61 3.30 11.25 -5.99
CA ILE A 61 2.32 10.43 -5.29
C ILE A 61 1.04 11.20 -5.07
N ASN A 62 -0.13 10.73 -5.57
CA ASN A 62 -1.36 11.49 -5.35
C ASN A 62 -1.99 11.05 -4.04
N LEU A 63 -2.13 11.95 -3.05
CA LEU A 63 -2.64 11.55 -1.73
C LEU A 63 -3.97 10.85 -1.90
N GLY A 64 -4.95 11.48 -2.59
CA GLY A 64 -6.29 10.87 -2.68
C GLY A 64 -6.30 9.48 -3.25
N LYS A 65 -5.46 9.18 -4.28
CA LYS A 65 -5.49 7.82 -4.86
C LYS A 65 -4.87 6.89 -3.83
N ALA A 66 -3.71 7.27 -3.24
CA ALA A 66 -3.09 6.39 -2.25
C ALA A 66 -4.01 6.20 -1.06
N ALA A 67 -4.38 7.30 -0.36
CA ALA A 67 -5.30 7.20 0.77
C ALA A 67 -6.60 6.51 0.40
N GLY A 68 -7.16 6.78 -0.80
CA GLY A 68 -8.38 6.10 -1.23
C GLY A 68 -8.11 4.77 -1.92
N LEU A 69 -6.84 4.36 -2.13
CA LEU A 69 -6.58 3.08 -2.78
C LEU A 69 -7.35 1.94 -2.15
N PRO A 70 -7.41 1.70 -0.81
CA PRO A 70 -8.22 0.60 -0.32
C PRO A 70 -9.67 0.74 -0.72
N SER A 71 -10.19 1.96 -0.91
CA SER A 71 -11.57 2.09 -1.36
C SER A 71 -11.68 1.63 -2.80
N THR A 72 -10.77 2.09 -3.69
CA THR A 72 -10.84 1.66 -5.09
C THR A 72 -10.74 0.15 -5.16
N CYS A 73 -9.74 -0.47 -4.47
CA CYS A 73 -9.66 -1.92 -4.39
C CYS A 73 -10.21 -2.31 -3.03
N GLY A 74 -11.54 -2.35 -2.85
CA GLY A 74 -12.12 -2.75 -1.56
C GLY A 74 -11.30 -3.80 -0.83
N VAL A 75 -10.63 -3.47 0.30
CA VAL A 75 -9.89 -4.47 1.07
C VAL A 75 -10.04 -4.17 2.54
N ASN A 76 -9.92 -5.18 3.45
CA ASN A 76 -10.17 -4.93 4.87
C ASN A 76 -8.89 -4.53 5.59
N ILE A 77 -8.19 -3.48 5.09
CA ILE A 77 -6.95 -3.04 5.72
C ILE A 77 -7.33 -1.97 6.73
N PRO A 78 -7.02 -2.00 8.05
CA PRO A 78 -7.38 -0.87 8.89
C PRO A 78 -6.23 0.13 8.92
N TYR A 79 -5.85 0.69 7.74
CA TYR A 79 -4.88 1.78 7.72
C TYR A 79 -4.96 2.53 6.40
N LYS A 80 -4.50 3.79 6.36
CA LYS A 80 -4.55 4.57 5.12
C LYS A 80 -3.18 4.48 4.48
N ILE A 81 -3.06 4.41 3.13
CA ILE A 81 -1.72 4.35 2.53
C ILE A 81 -1.26 5.78 2.39
N SER A 82 -0.86 6.46 3.50
CA SER A 82 -0.44 7.87 3.43
C SER A 82 0.95 8.05 4.02
N PRO A 83 1.88 8.90 3.53
CA PRO A 83 3.16 9.07 4.19
C PRO A 83 2.99 9.88 5.46
N SER A 84 2.30 9.33 6.48
CA SER A 84 2.11 10.06 7.74
C SER A 84 1.68 9.11 8.84
N THR A 85 0.54 8.40 8.69
CA THR A 85 0.09 7.46 9.72
C THR A 85 1.20 6.59 10.23
N ASP A 86 1.20 6.22 11.53
CA ASP A 86 2.22 5.29 12.02
C ASP A 86 1.75 3.86 11.79
N CYS A 87 2.69 2.90 11.65
CA CYS A 87 2.33 1.49 11.50
C CYS A 87 2.89 0.67 12.67
N SER A 88 4.21 0.77 12.97
CA SER A 88 4.77 -0.04 14.07
C SER A 88 4.01 0.08 15.38
N LYS A 89 3.36 1.24 15.67
CA LYS A 89 2.66 1.37 16.96
C LYS A 89 1.19 1.03 16.83
N VAL A 90 0.83 -0.01 16.05
CA VAL A 90 -0.58 -0.38 15.97
C VAL A 90 -0.92 -1.25 17.17
N GLN A 91 -2.05 -0.97 17.87
CA GLN A 91 -2.49 -1.82 18.97
C GLN A 91 -3.61 -2.69 18.45
#